data_3WB2
#
_entry.id   3WB2
#
_cell.length_a   115.010
_cell.length_b   97.370
_cell.length_c   63.540
_cell.angle_alpha   90.000
_cell.angle_beta   90.000
_cell.angle_gamma   90.000
#
_symmetry.space_group_name_H-M   'P 21 21 2'
#
loop_
_entity.id
_entity.type
_entity.pdbx_description
1 polymer 'Uncharacterized protein MJ0488'
2 non-polymer "5'-O-[(R)-[(3,6-dimethyl-2-oxo-1,2-dihydropyridin-4-yl)oxy](hydroxy)phosphoryl]guanosine"
3 non-polymer 'MAGNESIUM ION'
4 non-polymer "GUANOSINE-5'-DIPHOSPHATE"
5 water water
#
_entity_poly.entity_id   1
_entity_poly.type   'polypeptide(L)'
_entity_poly.pdbx_seq_one_letter_code
;MVVMEEIIKKAFIESINNIRRGDKEEELKKIQEKIVNAKKIVVATNNQKKFKVIRDIMLRVCNAEIKMLDIDTRFADLTR
MPALTKGLIALDIEKADLYIARGRLGAPGSGSMLVILDEKGRVLTASLSPSSVIHKEDIEERIKKELIEALSRIGISILE
HHHHHH
;
_entity_poly.pdbx_strand_id   A,B,C,D
#
loop_
_chem_comp.id
_chem_comp.type
_chem_comp.name
_chem_comp.formula
GDP RNA linking GUANOSINE-5'-DIPHOSPHATE 'C10 H15 N5 O11 P2'
MG non-polymer 'MAGNESIUM ION' 'Mg 2'
YGP non-polymer 5'-O-[(R)-[(3,6-dimethyl-2-oxo-1,2-dihydropyridin-4-yl)oxy](hydroxy)phosphoryl]guanosine 'C17 H21 N6 O9 P'
#
# COMPACT_ATOMS: atom_id res chain seq x y z
N VAL A 2 3.81 -29.08 2.99
CA VAL A 2 2.41 -28.53 3.05
C VAL A 2 2.38 -27.06 2.64
N VAL A 3 1.21 -26.61 2.20
CA VAL A 3 1.10 -25.37 1.46
C VAL A 3 1.34 -24.07 2.26
N MET A 4 1.75 -23.03 1.55
CA MET A 4 2.12 -21.76 2.18
C MET A 4 0.93 -21.10 2.91
N GLU A 5 -0.28 -21.28 2.39
CA GLU A 5 -1.47 -20.69 3.01
C GLU A 5 -1.67 -21.20 4.43
N GLU A 6 -1.46 -22.48 4.64
CA GLU A 6 -1.66 -23.07 5.96
C GLU A 6 -0.63 -22.66 6.99
N ILE A 7 0.60 -22.42 6.55
CA ILE A 7 1.64 -22.03 7.46
C ILE A 7 1.39 -20.60 7.96
N ILE A 8 0.87 -19.77 7.06
CA ILE A 8 0.61 -18.37 7.36
C ILE A 8 -0.60 -18.25 8.24
N LYS A 9 -1.59 -19.09 7.96
CA LYS A 9 -2.76 -19.13 8.83
C LYS A 9 -2.39 -19.41 10.27
N LYS A 10 -1.60 -20.46 10.51
CA LYS A 10 -1.14 -20.76 11.87
C LYS A 10 -0.55 -19.54 12.55
N ALA A 11 0.29 -18.77 11.83
CA ALA A 11 0.96 -17.59 12.40
C ALA A 11 -0.05 -16.45 12.74
N PHE A 12 -1.02 -16.25 11.83
CA PHE A 12 -2.09 -15.29 12.06
C PHE A 12 -2.94 -15.70 13.25
N ILE A 13 -3.10 -16.99 13.48
CA ILE A 13 -3.96 -17.39 14.61
C ILE A 13 -3.15 -17.20 15.91
N GLU A 14 -1.81 -17.36 15.86
CA GLU A 14 -0.98 -16.98 17.04
C GLU A 14 -1.14 -15.49 17.46
N SER A 15 -1.03 -14.55 16.50
CA SER A 15 -1.30 -13.12 16.78
C SER A 15 -2.69 -12.85 17.35
N ILE A 16 -3.72 -13.46 16.77
CA ILE A 16 -5.07 -13.22 17.26
C ILE A 16 -5.17 -13.55 18.75
N ASN A 17 -4.54 -14.67 19.10
CA ASN A 17 -4.54 -15.21 20.48
C ASN A 17 -3.40 -14.62 21.35
N ASN A 18 -2.71 -13.62 20.81
CA ASN A 18 -1.64 -12.88 21.48
C ASN A 18 -0.56 -13.75 22.12
N ILE A 19 -0.17 -14.79 21.40
CA ILE A 19 0.99 -15.60 21.74
C ILE A 19 2.02 -15.66 20.60
N ARG A 20 2.00 -14.69 19.69
CA ARG A 20 3.04 -14.64 18.64
C ARG A 20 4.43 -14.13 19.15
N ARG A 21 5.27 -15.10 19.59
CA ARG A 21 6.58 -14.78 20.15
C ARG A 21 7.74 -15.04 19.16
N GLY A 22 7.53 -14.66 17.88
CA GLY A 22 8.61 -14.66 16.85
C GLY A 22 8.34 -15.62 15.70
N ASP A 23 9.12 -15.48 14.62
CA ASP A 23 9.06 -16.35 13.47
C ASP A 23 9.39 -17.81 13.85
N LYS A 24 8.79 -18.77 13.14
CA LYS A 24 8.97 -20.17 13.39
C LYS A 24 9.86 -20.81 12.33
N GLU A 25 10.60 -21.84 12.76
CA GLU A 25 11.40 -22.67 11.86
C GLU A 25 10.62 -23.18 10.66
N GLU A 26 9.39 -23.68 10.81
CA GLU A 26 8.59 -24.11 9.66
C GLU A 26 8.41 -22.95 8.62
N GLU A 27 8.37 -21.70 9.12
CA GLU A 27 8.22 -20.53 8.25
C GLU A 27 9.44 -20.33 7.36
N LEU A 28 10.61 -20.35 8.00
CA LEU A 28 11.91 -20.24 7.29
C LEU A 28 12.07 -21.33 6.24
N LYS A 29 11.81 -22.58 6.63
CA LYS A 29 11.92 -23.72 5.72
C LYS A 29 11.06 -23.57 4.45
N LYS A 30 9.82 -23.14 4.62
CA LYS A 30 8.96 -22.89 3.47
C LYS A 30 9.50 -21.82 2.52
N ILE A 31 10.00 -20.69 3.06
CA ILE A 31 10.53 -19.64 2.23
C ILE A 31 11.77 -20.15 1.47
N GLN A 32 12.64 -20.88 2.15
CA GLN A 32 13.83 -21.47 1.51
C GLN A 32 13.42 -22.35 0.31
N GLU A 33 12.51 -23.30 0.58
CA GLU A 33 11.89 -24.12 -0.44
C GLU A 33 11.29 -23.36 -1.64
N LYS A 34 10.50 -22.30 -1.40
CA LYS A 34 10.02 -21.49 -2.53
C LYS A 34 11.12 -20.98 -3.45
N ILE A 35 12.25 -20.59 -2.87
CA ILE A 35 13.33 -19.94 -3.59
C ILE A 35 14.15 -20.98 -4.35
N VAL A 36 14.55 -22.02 -3.64
CA VAL A 36 15.30 -23.14 -4.18
C VAL A 36 14.58 -23.88 -5.33
N ASN A 37 13.26 -24.03 -5.23
CA ASN A 37 12.51 -24.74 -6.27
C ASN A 37 11.85 -23.88 -7.37
N ALA A 38 12.05 -22.56 -7.36
CA ALA A 38 11.59 -21.69 -8.47
C ALA A 38 12.02 -22.20 -9.86
N LYS A 39 11.10 -22.10 -10.83
CA LYS A 39 11.34 -22.50 -12.23
C LYS A 39 11.50 -21.28 -13.16
N LYS A 40 10.86 -20.18 -12.80
CA LYS A 40 10.90 -18.93 -13.53
C LYS A 40 11.06 -17.78 -12.51
N ILE A 41 11.99 -16.88 -12.79
CA ILE A 41 12.26 -15.74 -11.93
C ILE A 41 12.30 -14.52 -12.83
N VAL A 42 11.67 -13.43 -12.42
CA VAL A 42 11.83 -12.17 -13.13
C VAL A 42 12.52 -11.11 -12.28
N VAL A 43 13.54 -10.47 -12.88
CA VAL A 43 14.32 -9.39 -12.28
C VAL A 43 13.79 -8.05 -12.81
N ALA A 44 13.16 -7.27 -11.93
CA ALA A 44 12.45 -6.03 -12.34
C ALA A 44 13.41 -4.92 -12.41
N THR A 45 14.23 -4.98 -13.44
CA THR A 45 15.25 -3.98 -13.71
C THR A 45 15.39 -3.86 -15.25
N ASN A 46 15.86 -2.68 -15.70
CA ASN A 46 16.34 -2.50 -17.09
C ASN A 46 17.87 -2.35 -17.13
N ASN A 47 18.54 -2.44 -15.99
CA ASN A 47 19.98 -2.29 -16.01
C ASN A 47 20.69 -3.63 -16.18
N GLN A 48 21.35 -3.78 -17.32
CA GLN A 48 22.10 -4.99 -17.63
C GLN A 48 23.23 -5.31 -16.62
N LYS A 49 23.76 -4.30 -15.93
CA LYS A 49 24.75 -4.58 -14.90
C LYS A 49 24.17 -5.18 -13.65
N LYS A 50 23.03 -4.67 -13.17
CA LYS A 50 22.38 -5.28 -12.03
C LYS A 50 21.96 -6.68 -12.43
N PHE A 51 21.32 -6.83 -13.62
CA PHE A 51 20.80 -8.14 -14.02
C PHE A 51 21.81 -9.31 -13.90
N LYS A 52 23.02 -9.06 -14.40
CA LYS A 52 24.12 -10.01 -14.44
C LYS A 52 24.62 -10.47 -13.06
N VAL A 53 24.87 -9.52 -12.13
CA VAL A 53 25.18 -9.92 -10.75
C VAL A 53 24.09 -10.81 -10.16
N ILE A 54 22.85 -10.43 -10.39
CA ILE A 54 21.74 -11.17 -9.82
C ILE A 54 21.56 -12.54 -10.43
N ARG A 55 21.68 -12.62 -11.76
CA ARG A 55 21.48 -13.89 -12.42
C ARG A 55 22.61 -14.84 -12.06
N ASP A 56 23.85 -14.37 -12.08
CA ASP A 56 24.99 -15.26 -11.68
C ASP A 56 24.93 -15.77 -10.25
N ILE A 57 24.33 -14.99 -9.35
CA ILE A 57 24.18 -15.47 -7.98
C ILE A 57 23.02 -16.48 -7.87
N MET A 58 21.87 -16.15 -8.47
CA MET A 58 20.70 -17.02 -8.33
C MET A 58 20.89 -18.41 -8.92
N LEU A 59 21.66 -18.49 -10.02
CA LEU A 59 22.03 -19.78 -10.68
C LEU A 59 22.83 -20.73 -9.77
N ARG A 60 23.46 -20.16 -8.75
CA ARG A 60 24.14 -20.98 -7.74
C ARG A 60 23.17 -21.70 -6.76
N VAL A 61 21.93 -21.23 -6.63
CA VAL A 61 20.97 -21.83 -5.66
C VAL A 61 19.76 -22.46 -6.29
N CYS A 62 19.44 -22.11 -7.51
CA CYS A 62 18.35 -22.81 -8.17
C CYS A 62 18.64 -23.06 -9.63
N ASN A 63 17.72 -23.77 -10.27
CA ASN A 63 17.90 -24.10 -11.65
C ASN A 63 16.67 -23.58 -12.39
N ALA A 64 16.61 -22.27 -12.57
CA ALA A 64 15.43 -21.58 -13.12
C ALA A 64 15.72 -20.83 -14.41
N GLU A 65 14.70 -20.53 -15.20
CA GLU A 65 14.91 -19.55 -16.28
C GLU A 65 14.86 -18.16 -15.62
N ILE A 66 15.81 -17.28 -15.96
CA ILE A 66 15.85 -15.94 -15.35
C ILE A 66 15.92 -14.89 -16.40
N LYS A 67 15.00 -13.93 -16.33
CA LYS A 67 14.93 -12.85 -17.34
C LYS A 67 14.70 -11.47 -16.70
N MET A 68 14.97 -10.40 -17.46
CA MET A 68 14.69 -9.02 -17.07
C MET A 68 13.37 -8.50 -17.63
N LEU A 69 12.99 -7.30 -17.22
CA LEU A 69 11.73 -6.69 -17.62
C LEU A 69 11.96 -5.85 -18.86
N ASP A 70 10.98 -5.87 -19.76
CA ASP A 70 11.10 -5.18 -21.06
C ASP A 70 10.20 -3.93 -21.29
N ILE A 71 9.73 -3.30 -20.24
CA ILE A 71 9.19 -1.93 -20.32
C ILE A 71 9.96 -1.07 -19.31
N ASP A 72 9.98 0.25 -19.53
CA ASP A 72 10.71 1.22 -18.72
C ASP A 72 10.24 1.20 -17.29
N THR A 73 11.20 1.07 -16.37
CA THR A 73 11.01 1.03 -14.91
C THR A 73 11.19 2.43 -14.24
N ARG A 74 11.61 3.46 -14.97
CA ARG A 74 11.92 4.70 -14.29
C ARG A 74 10.75 5.38 -13.57
N PHE A 75 9.52 5.07 -13.94
CA PHE A 75 8.40 5.79 -13.37
C PHE A 75 8.09 5.37 -11.92
N ALA A 76 8.77 4.33 -11.45
CA ALA A 76 8.60 3.83 -10.08
C ALA A 76 9.17 4.86 -9.08
N ASP A 77 10.03 5.70 -9.60
CA ASP A 77 10.72 6.69 -8.81
C ASP A 77 9.78 7.85 -8.43
N LEU A 78 8.52 7.86 -8.89
CA LEU A 78 7.50 8.86 -8.41
C LEU A 78 6.61 8.41 -7.25
N THR A 79 6.78 7.16 -6.84
CA THR A 79 5.95 6.53 -5.79
C THR A 79 6.66 6.55 -4.43
N ARG A 80 5.98 6.17 -3.36
CA ARG A 80 6.53 6.24 -2.02
C ARG A 80 7.70 5.30 -1.69
N MET A 81 7.64 4.09 -2.27
CA MET A 81 8.59 3.04 -2.03
C MET A 81 8.94 2.48 -3.40
N PRO A 82 9.88 3.14 -4.07
CA PRO A 82 10.15 2.75 -5.47
C PRO A 82 10.61 1.27 -5.70
N ALA A 83 11.36 0.65 -4.77
CA ALA A 83 11.84 -0.68 -5.08
C ALA A 83 10.68 -1.67 -5.08
N LEU A 84 9.78 -1.48 -4.12
CA LEU A 84 8.56 -2.22 -4.01
C LEU A 84 7.69 -2.11 -5.24
N THR A 85 7.43 -0.88 -5.68
CA THR A 85 6.59 -0.63 -6.86
C THR A 85 7.08 -1.44 -8.08
N LYS A 86 8.39 -1.46 -8.24
CA LYS A 86 9.01 -2.22 -9.34
C LYS A 86 8.67 -3.71 -9.30
N GLY A 87 8.89 -4.33 -8.13
CA GLY A 87 8.47 -5.72 -7.96
C GLY A 87 7.01 -6.01 -8.30
N LEU A 88 6.13 -5.08 -7.96
CA LEU A 88 4.68 -5.23 -8.19
C LEU A 88 4.30 -4.96 -9.63
N ILE A 89 5.03 -4.07 -10.29
CA ILE A 89 4.84 -3.93 -11.72
C ILE A 89 5.22 -5.26 -12.41
N ALA A 90 6.36 -5.87 -12.03
CA ALA A 90 6.72 -7.21 -12.62
C ALA A 90 5.67 -8.28 -12.40
N LEU A 91 5.14 -8.33 -11.16
CA LEU A 91 4.06 -9.24 -10.77
C LEU A 91 2.85 -9.12 -11.67
N ASP A 92 2.46 -7.91 -11.97
CA ASP A 92 1.27 -7.63 -12.75
C ASP A 92 1.40 -8.03 -14.24
N ILE A 93 2.61 -7.93 -14.82
CA ILE A 93 2.80 -8.20 -16.26
C ILE A 93 3.64 -9.42 -16.69
N GLU A 94 4.10 -10.26 -15.74
CA GLU A 94 4.76 -11.53 -16.09
C GLU A 94 4.36 -12.71 -15.17
N LYS A 95 4.33 -13.92 -15.74
CA LYS A 95 4.11 -15.15 -14.96
C LYS A 95 5.44 -15.72 -14.51
N ALA A 96 5.60 -15.86 -13.19
CA ALA A 96 6.82 -16.35 -12.60
C ALA A 96 6.62 -16.83 -11.15
N ASP A 97 7.47 -17.70 -10.65
CA ASP A 97 7.46 -18.07 -9.23
C ASP A 97 8.15 -17.07 -8.26
N LEU A 98 9.08 -16.25 -8.72
CA LEU A 98 9.69 -15.22 -7.89
C LEU A 98 9.95 -13.96 -8.66
N TYR A 99 9.85 -12.84 -7.97
CA TYR A 99 10.24 -11.56 -8.53
C TYR A 99 11.34 -10.90 -7.68
N ILE A 100 12.45 -10.45 -8.30
CA ILE A 100 13.55 -9.74 -7.55
C ILE A 100 13.65 -8.27 -8.02
N ALA A 101 13.51 -7.26 -7.13
CA ALA A 101 13.67 -5.84 -7.56
C ALA A 101 14.73 -5.09 -6.76
N ARG A 102 15.37 -4.10 -7.37
CA ARG A 102 16.27 -3.21 -6.61
C ARG A 102 16.15 -1.74 -6.98
N GLY A 103 15.77 -0.89 -6.02
CA GLY A 103 15.68 0.57 -6.21
C GLY A 103 15.83 1.41 -4.93
N ARG A 104 15.33 2.65 -4.95
CA ARG A 104 15.33 3.50 -3.80
C ARG A 104 14.38 2.93 -2.74
N LEU A 105 14.80 3.06 -1.48
CA LEU A 105 13.97 2.60 -0.38
C LEU A 105 12.62 3.36 -0.24
N GLY A 106 12.70 4.69 -0.09
CA GLY A 106 11.53 5.53 0.17
C GLY A 106 11.74 6.92 -0.42
N ALA A 107 11.77 7.94 0.45
CA ALA A 107 11.95 9.32 -0.01
C ALA A 107 13.32 9.53 -0.64
N PRO A 108 13.44 10.53 -1.55
CA PRO A 108 14.80 10.93 -1.97
C PRO A 108 15.78 11.15 -0.79
N GLY A 109 16.92 10.45 -0.85
CA GLY A 109 17.99 10.52 0.16
C GLY A 109 18.06 9.30 1.07
N SER A 110 17.16 8.34 0.86
CA SER A 110 17.02 7.24 1.83
C SER A 110 17.84 5.98 1.54
N GLY A 111 18.67 5.98 0.49
CA GLY A 111 19.38 4.77 0.07
C GLY A 111 18.54 3.72 -0.66
N SER A 112 19.11 2.53 -0.77
CA SER A 112 18.61 1.39 -1.61
C SER A 112 17.98 0.22 -0.83
N MET A 113 17.00 -0.45 -1.45
CA MET A 113 16.45 -1.73 -1.03
C MET A 113 16.54 -2.74 -2.17
N LEU A 114 17.00 -3.96 -1.87
CA LEU A 114 16.77 -5.11 -2.75
C LEU A 114 15.65 -5.95 -2.15
N VAL A 115 14.64 -6.28 -2.92
CA VAL A 115 13.49 -7.03 -2.38
C VAL A 115 13.07 -8.28 -3.22
N ILE A 116 12.50 -9.29 -2.56
CA ILE A 116 12.12 -10.55 -3.24
C ILE A 116 10.65 -10.88 -2.89
N LEU A 117 9.76 -10.96 -3.89
CA LEU A 117 8.30 -11.27 -3.73
C LEU A 117 7.98 -12.61 -4.31
N ASP A 118 6.93 -13.29 -3.85
CA ASP A 118 6.48 -14.56 -4.52
C ASP A 118 5.33 -14.26 -5.47
N GLU A 119 4.70 -15.33 -6.02
CA GLU A 119 3.59 -15.19 -7.01
C GLU A 119 2.39 -14.48 -6.57
N LYS A 120 2.24 -14.24 -5.26
CA LYS A 120 1.08 -13.52 -4.78
C LYS A 120 1.47 -12.17 -4.25
N GLY A 121 2.72 -11.79 -4.46
CA GLY A 121 3.13 -10.46 -4.03
C GLY A 121 3.58 -10.42 -2.57
N ARG A 122 3.65 -11.56 -1.89
CA ARG A 122 4.18 -11.47 -0.50
C ARG A 122 5.67 -11.07 -0.47
N VAL A 123 6.05 -10.24 0.49
CA VAL A 123 7.50 -9.91 0.74
C VAL A 123 8.22 -11.01 1.56
N LEU A 124 9.12 -11.77 0.93
CA LEU A 124 9.80 -12.90 1.61
C LEU A 124 11.07 -12.51 2.37
N THR A 125 11.81 -11.53 1.86
CA THR A 125 13.09 -11.10 2.47
C THR A 125 13.62 -9.86 1.74
N ALA A 126 14.66 -9.21 2.29
CA ALA A 126 15.16 -7.99 1.72
C ALA A 126 16.47 -7.55 2.39
N SER A 127 17.17 -6.62 1.74
CA SER A 127 18.34 -5.94 2.34
C SER A 127 18.55 -4.48 1.81
N LEU A 128 19.26 -3.68 2.59
CA LEU A 128 19.44 -2.22 2.35
C LEU A 128 20.90 -1.86 2.12
N SER A 129 21.15 -0.73 1.41
CA SER A 129 22.49 -0.11 1.38
C SER A 129 22.34 1.36 1.70
N PRO A 130 23.38 2.02 2.27
CA PRO A 130 23.34 3.49 2.35
C PRO A 130 23.33 4.19 0.96
N SER A 131 23.03 5.49 0.90
CA SER A 131 23.26 6.29 -0.34
C SER A 131 24.73 6.19 -0.71
N SER A 132 25.06 6.18 -2.00
CA SER A 132 26.49 6.10 -2.41
C SER A 132 27.26 7.41 -2.19
N VAL A 133 26.53 8.49 -1.89
CA VAL A 133 27.18 9.67 -1.33
C VAL A 133 27.95 9.34 -0.01
N ILE A 134 27.52 8.28 0.70
CA ILE A 134 28.21 7.79 1.92
C ILE A 134 29.11 6.58 1.69
N HIS A 135 28.59 5.49 1.15
CA HIS A 135 29.36 4.23 1.10
C HIS A 135 30.43 4.20 0.02
N LYS A 136 30.19 4.91 -1.09
CA LYS A 136 31.18 5.16 -2.14
C LYS A 136 31.72 3.87 -2.87
N GLU A 137 30.89 2.88 -3.19
CA GLU A 137 31.37 1.64 -3.85
C GLU A 137 30.75 1.42 -5.24
N ASP A 138 31.40 0.60 -6.05
CA ASP A 138 30.90 0.21 -7.36
C ASP A 138 29.54 -0.43 -7.16
N ILE A 139 28.61 -0.17 -8.07
CA ILE A 139 27.29 -0.77 -7.97
C ILE A 139 27.25 -2.33 -7.93
N GLU A 140 28.09 -2.99 -8.72
CA GLU A 140 28.09 -4.47 -8.79
C GLU A 140 28.39 -5.09 -7.44
N GLU A 141 29.28 -4.43 -6.70
CA GLU A 141 29.74 -4.90 -5.41
C GLU A 141 28.64 -4.76 -4.39
N ARG A 142 27.98 -3.61 -4.40
CA ARG A 142 26.81 -3.37 -3.63
C ARG A 142 25.66 -4.39 -3.92
N ILE A 143 25.36 -4.66 -5.20
CA ILE A 143 24.31 -5.63 -5.56
C ILE A 143 24.63 -7.01 -5.01
N LYS A 144 25.89 -7.39 -5.12
CA LYS A 144 26.34 -8.66 -4.70
C LYS A 144 26.11 -8.83 -3.17
N LYS A 145 26.55 -7.85 -2.38
CA LYS A 145 26.41 -7.90 -0.91
C LYS A 145 24.94 -7.92 -0.47
N GLU A 146 24.09 -7.18 -1.17
CA GLU A 146 22.69 -7.08 -0.86
C GLU A 146 22.00 -8.43 -1.01
N LEU A 147 22.16 -9.02 -2.19
CA LEU A 147 21.58 -10.34 -2.50
C LEU A 147 22.03 -11.45 -1.51
N ILE A 148 23.32 -11.49 -1.23
CA ILE A 148 23.85 -12.49 -0.30
C ILE A 148 23.21 -12.40 1.09
N GLU A 149 23.15 -11.19 1.65
CA GLU A 149 22.45 -10.97 2.94
C GLU A 149 20.91 -11.26 2.91
N ALA A 150 20.24 -10.85 1.84
CA ALA A 150 18.86 -11.18 1.66
C ALA A 150 18.57 -12.69 1.72
N LEU A 151 19.49 -13.50 1.16
CA LEU A 151 19.29 -14.97 1.08
C LEU A 151 19.67 -15.61 2.41
N SER A 152 20.80 -15.20 2.96
CA SER A 152 21.22 -15.79 4.22
C SER A 152 20.38 -15.44 5.49
N ARG A 153 19.78 -14.25 5.59
CA ARG A 153 18.88 -13.93 6.70
C ARG A 153 17.60 -14.82 6.75
N ILE A 154 17.28 -15.54 5.66
CA ILE A 154 16.22 -16.54 5.69
C ILE A 154 16.74 -17.98 5.54
N GLY A 155 18.07 -18.15 5.66
CA GLY A 155 18.70 -19.46 5.80
C GLY A 155 19.17 -20.15 4.51
N ILE A 156 19.51 -19.41 3.49
CA ILE A 156 20.07 -19.98 2.30
C ILE A 156 21.54 -19.58 2.29
N SER A 157 22.39 -20.58 2.45
CA SER A 157 23.86 -20.43 2.24
C SER A 157 24.28 -20.39 0.74
N ILE A 158 25.10 -19.43 0.37
CA ILE A 158 25.56 -19.32 -1.03
C ILE A 158 26.96 -19.94 -1.26
N LEU A 159 27.62 -20.40 -0.18
CA LEU A 159 29.02 -20.86 -0.19
C LEU A 159 29.22 -22.28 -0.75
N GLU A 160 30.45 -22.64 -1.14
CA GLU A 160 30.85 -23.95 -1.71
C GLU A 160 30.07 -25.29 -1.47
N HIS A 161 30.38 -26.05 -0.41
CA HIS A 161 29.63 -27.31 -0.04
C HIS A 161 29.79 -28.57 -0.93
N VAL B 2 15.73 25.20 1.78
CA VAL B 2 14.39 25.06 1.12
C VAL B 2 13.60 23.91 1.71
N VAL B 3 12.29 24.00 1.56
CA VAL B 3 11.39 23.03 2.13
C VAL B 3 11.49 21.59 1.47
N MET B 4 11.08 20.55 2.20
CA MET B 4 11.11 19.15 1.71
C MET B 4 10.37 18.85 0.38
N GLU B 5 9.14 19.31 0.30
CA GLU B 5 8.37 19.31 -0.92
C GLU B 5 9.18 19.77 -2.15
N GLU B 6 10.00 20.80 -1.97
CA GLU B 6 10.69 21.39 -3.10
C GLU B 6 11.88 20.55 -3.54
N ILE B 7 12.56 19.95 -2.56
CA ILE B 7 13.66 19.05 -2.82
C ILE B 7 13.17 17.79 -3.52
N ILE B 8 12.03 17.27 -3.06
CA ILE B 8 11.36 16.10 -3.66
C ILE B 8 10.86 16.34 -5.10
N LYS B 9 10.13 17.43 -5.31
CA LYS B 9 9.82 17.85 -6.71
C LYS B 9 11.05 17.88 -7.69
N LYS B 10 12.19 18.42 -7.29
CA LYS B 10 13.40 18.38 -8.18
C LYS B 10 13.83 16.98 -8.57
N ALA B 11 13.84 16.07 -7.61
CA ALA B 11 14.16 14.67 -7.86
C ALA B 11 13.14 14.00 -8.78
N PHE B 12 11.86 14.31 -8.60
CA PHE B 12 10.79 13.70 -9.42
C PHE B 12 10.93 14.16 -10.88
N ILE B 13 11.32 15.43 -11.06
CA ILE B 13 11.51 15.98 -12.42
C ILE B 13 12.73 15.38 -13.12
N GLU B 14 13.84 15.19 -12.39
CA GLU B 14 14.98 14.37 -12.91
C GLU B 14 14.58 12.97 -13.42
N SER B 15 13.73 12.25 -12.68
CA SER B 15 13.23 10.93 -13.12
C SER B 15 12.38 10.99 -14.40
N ILE B 16 11.38 11.89 -14.44
CA ILE B 16 10.51 12.10 -15.61
C ILE B 16 11.34 12.39 -16.87
N ASN B 17 12.34 13.27 -16.78
CA ASN B 17 13.29 13.52 -17.88
C ASN B 17 14.37 12.45 -18.05
N ASN B 18 14.25 11.37 -17.31
CA ASN B 18 15.18 10.27 -17.40
C ASN B 18 16.65 10.66 -17.19
N ILE B 19 16.94 11.64 -16.33
CA ILE B 19 18.33 11.97 -15.96
C ILE B 19 18.72 11.65 -14.49
N ARG B 20 17.78 11.17 -13.67
CA ARG B 20 18.09 10.86 -12.27
C ARG B 20 19.19 9.77 -12.14
N ARG B 21 20.09 9.96 -11.19
CA ARG B 21 21.00 8.87 -10.80
C ARG B 21 20.67 8.33 -9.41
N GLY B 22 21.63 8.46 -8.50
CA GLY B 22 21.46 8.09 -7.08
C GLY B 22 21.08 9.31 -6.26
N ASP B 23 21.19 9.14 -4.95
CA ASP B 23 20.83 10.19 -3.99
C ASP B 23 21.79 11.39 -4.12
N LYS B 24 21.25 12.60 -3.88
CA LYS B 24 21.97 13.88 -3.77
C LYS B 24 22.40 14.28 -2.36
N GLU B 25 23.48 15.07 -2.30
CA GLU B 25 24.00 15.64 -1.09
C GLU B 25 22.98 16.49 -0.33
N GLU B 26 22.36 17.43 -1.03
CA GLU B 26 21.27 18.24 -0.50
C GLU B 26 20.16 17.39 0.17
N GLU B 27 19.82 16.22 -0.40
CA GLU B 27 18.79 15.31 0.15
C GLU B 27 19.22 14.73 1.50
N LEU B 28 20.45 14.24 1.58
CA LEU B 28 20.94 13.78 2.86
C LEU B 28 20.90 14.85 3.99
N LYS B 29 21.31 16.08 3.67
CA LYS B 29 21.33 17.17 4.63
C LYS B 29 19.95 17.47 5.17
N LYS B 30 18.95 17.53 4.29
CA LYS B 30 17.55 17.67 4.70
C LYS B 30 17.04 16.64 5.74
N ILE B 31 17.32 15.35 5.49
CA ILE B 31 16.95 14.27 6.41
C ILE B 31 17.68 14.39 7.74
N GLN B 32 19.00 14.56 7.70
CA GLN B 32 19.78 14.95 8.91
C GLN B 32 19.10 16.07 9.73
N GLU B 33 18.75 17.15 9.04
CA GLU B 33 18.13 18.30 9.68
C GLU B 33 16.75 17.95 10.27
N LYS B 34 15.91 17.20 9.55
CA LYS B 34 14.64 16.78 10.18
C LYS B 34 14.82 15.95 11.48
N ILE B 35 15.84 15.09 11.55
CA ILE B 35 16.04 14.25 12.72
C ILE B 35 16.71 14.98 13.89
N VAL B 36 17.85 15.61 13.63
CA VAL B 36 18.58 16.37 14.67
C VAL B 36 17.76 17.49 15.34
N ASN B 37 16.79 18.06 14.61
CA ASN B 37 16.00 19.17 15.16
C ASN B 37 14.60 18.80 15.60
N ALA B 38 14.26 17.51 15.61
CA ALA B 38 12.91 17.08 15.94
C ALA B 38 12.48 17.62 17.29
N LYS B 39 11.29 18.20 17.35
CA LYS B 39 10.75 18.59 18.64
C LYS B 39 9.87 17.54 19.30
N LYS B 40 9.16 16.74 18.50
CA LYS B 40 8.29 15.65 18.98
C LYS B 40 8.56 14.34 18.25
N ILE B 41 8.93 13.31 19.00
CA ILE B 41 9.01 11.95 18.48
C ILE B 41 7.98 11.03 19.14
N VAL B 42 7.30 10.24 18.34
CA VAL B 42 6.41 9.17 18.80
C VAL B 42 6.97 7.79 18.43
N VAL B 43 7.10 6.90 19.41
CA VAL B 43 7.49 5.51 19.19
C VAL B 43 6.18 4.70 19.08
N ALA B 44 5.98 4.04 17.94
CA ALA B 44 4.69 3.42 17.60
C ALA B 44 4.47 2.10 18.29
N THR B 45 4.27 2.11 19.59
CA THR B 45 4.27 0.90 20.37
C THR B 45 3.66 1.20 21.75
N ASN B 46 3.16 0.20 22.43
CA ASN B 46 2.83 0.38 23.84
C ASN B 46 3.73 -0.51 24.76
N ASN B 47 4.69 -1.18 24.15
CA ASN B 47 5.65 -1.99 24.91
C ASN B 47 6.74 -1.07 25.57
N GLN B 48 6.83 -1.06 26.91
CA GLN B 48 7.79 -0.22 27.64
C GLN B 48 9.30 -0.49 27.30
N LYS B 49 9.61 -1.75 27.04
CA LYS B 49 10.96 -2.21 26.78
C LYS B 49 11.49 -1.71 25.42
N LYS B 50 10.68 -1.77 24.36
CA LYS B 50 11.04 -1.20 23.06
C LYS B 50 11.18 0.33 23.21
N PHE B 51 10.17 0.97 23.83
CA PHE B 51 10.21 2.39 24.13
C PHE B 51 11.54 2.87 24.81
N LYS B 52 12.03 2.20 25.87
CA LYS B 52 13.23 2.71 26.59
C LYS B 52 14.56 2.66 25.81
N VAL B 53 14.77 1.55 25.10
CA VAL B 53 15.93 1.35 24.23
C VAL B 53 15.97 2.47 23.17
N ILE B 54 14.82 2.70 22.54
CA ILE B 54 14.77 3.69 21.46
C ILE B 54 14.82 5.10 21.97
N ARG B 55 14.09 5.38 23.05
CA ARG B 55 14.20 6.72 23.70
C ARG B 55 15.64 7.08 24.10
N ASP B 56 16.33 6.15 24.72
CA ASP B 56 17.72 6.37 25.15
C ASP B 56 18.68 6.66 23.97
N ILE B 57 18.42 6.07 22.79
CA ILE B 57 19.32 6.29 21.69
C ILE B 57 19.03 7.60 21.00
N MET B 58 17.76 7.92 20.81
CA MET B 58 17.41 9.17 20.17
C MET B 58 17.88 10.36 20.97
N LEU B 59 18.00 10.23 22.31
CA LEU B 59 18.47 11.38 23.10
C LEU B 59 19.95 11.61 22.92
N ARG B 60 20.64 10.66 22.28
CA ARG B 60 22.04 10.91 22.02
C ARG B 60 22.20 11.77 20.73
N VAL B 61 21.15 11.93 19.94
CA VAL B 61 21.26 12.73 18.72
C VAL B 61 20.30 13.93 18.63
N CYS B 62 19.30 14.00 19.52
CA CYS B 62 18.36 15.10 19.49
C CYS B 62 17.88 15.44 20.92
N ASN B 63 17.01 16.45 21.02
CA ASN B 63 16.58 16.95 22.33
C ASN B 63 15.04 16.98 22.45
N ALA B 64 14.39 16.26 21.53
CA ALA B 64 12.92 16.07 21.48
C ALA B 64 12.29 15.64 22.75
N GLU B 65 11.02 16.01 22.88
CA GLU B 65 10.12 15.33 23.78
C GLU B 65 9.82 13.95 23.13
N ILE B 66 9.88 12.85 23.88
CA ILE B 66 9.60 11.54 23.31
C ILE B 66 8.48 10.77 24.03
N LYS B 67 7.51 10.24 23.28
CA LYS B 67 6.40 9.49 23.88
C LYS B 67 6.12 8.10 23.21
N MET B 68 5.45 7.20 23.92
CA MET B 68 4.86 6.02 23.26
C MET B 68 3.34 6.19 23.11
N LEU B 69 2.64 5.13 22.71
CA LEU B 69 1.19 5.17 22.47
C LEU B 69 0.43 4.46 23.59
N ASP B 70 -0.89 4.71 23.63
CA ASP B 70 -1.84 4.26 24.67
C ASP B 70 -2.51 2.96 24.30
N ILE B 71 -2.32 2.57 23.05
CA ILE B 71 -2.99 1.43 22.50
C ILE B 71 -1.92 0.45 21.95
N ASP B 72 -2.24 -0.83 21.85
CA ASP B 72 -1.25 -1.80 21.40
C ASP B 72 -1.18 -1.81 19.86
N THR B 73 0.01 -1.65 19.29
CA THR B 73 0.17 -1.79 17.81
C THR B 73 0.26 -3.24 17.29
N ARG B 74 0.18 -4.26 18.15
CA ARG B 74 0.11 -5.67 17.65
C ARG B 74 -0.96 -5.86 16.57
N PHE B 75 -1.98 -4.97 16.51
CA PHE B 75 -3.11 -5.17 15.55
C PHE B 75 -2.74 -4.88 14.09
N ALA B 76 -1.45 -4.59 13.85
CA ALA B 76 -0.84 -4.42 12.51
C ALA B 76 -0.28 -5.73 11.96
N ASP B 77 -0.17 -6.74 12.82
CA ASP B 77 0.58 -7.95 12.43
C ASP B 77 -0.14 -8.92 11.45
N LEU B 78 -1.33 -8.59 10.94
CA LEU B 78 -1.93 -9.42 9.84
C LEU B 78 -1.85 -8.77 8.42
N THR B 79 -1.29 -7.57 8.36
CA THR B 79 -1.05 -6.87 7.11
C THR B 79 0.19 -7.40 6.39
N ARG B 80 0.36 -6.99 5.13
CA ARG B 80 1.49 -7.38 4.28
C ARG B 80 2.84 -6.92 4.84
N MET B 81 2.86 -5.77 5.50
CA MET B 81 4.10 -5.18 5.98
C MET B 81 3.91 -4.52 7.33
N PRO B 82 3.96 -5.33 8.37
CA PRO B 82 3.47 -4.85 9.68
C PRO B 82 4.23 -3.67 10.24
N ALA B 83 5.52 -3.53 9.96
CA ALA B 83 6.29 -2.49 10.66
C ALA B 83 5.84 -1.17 10.09
N LEU B 84 5.67 -1.13 8.76
CA LEU B 84 5.07 0.03 8.08
C LEU B 84 3.69 0.39 8.61
N THR B 85 2.77 -0.56 8.61
CA THR B 85 1.45 -0.35 9.17
C THR B 85 1.47 0.26 10.59
N LYS B 86 2.33 -0.26 11.49
CA LYS B 86 2.46 0.30 12.83
C LYS B 86 2.78 1.80 12.78
N GLY B 87 3.70 2.18 11.92
CA GLY B 87 4.07 3.56 11.81
C GLY B 87 2.88 4.41 11.39
N LEU B 88 2.01 3.85 10.54
CA LEU B 88 0.89 4.61 9.95
C LEU B 88 -0.27 4.70 10.95
N ILE B 89 -0.46 3.66 11.74
CA ILE B 89 -1.33 3.76 12.88
C ILE B 89 -0.89 4.90 13.83
N ALA B 90 0.42 5.04 14.14
CA ALA B 90 0.87 6.21 14.95
C ALA B 90 0.59 7.55 14.29
N LEU B 91 0.86 7.65 12.99
CA LEU B 91 0.58 8.88 12.24
C LEU B 91 -0.89 9.23 12.30
N ASP B 92 -1.78 8.26 12.27
CA ASP B 92 -3.22 8.59 12.32
C ASP B 92 -3.75 9.15 13.65
N ILE B 93 -3.10 8.83 14.78
CA ILE B 93 -3.63 9.23 16.08
C ILE B 93 -2.72 10.18 16.86
N GLU B 94 -1.71 10.77 16.23
CA GLU B 94 -0.71 11.55 16.99
C GLU B 94 0.09 12.53 16.09
N LYS B 95 0.20 13.78 16.53
CA LYS B 95 0.98 14.76 15.80
C LYS B 95 2.42 14.72 16.26
N ALA B 96 3.36 14.67 15.31
CA ALA B 96 4.76 14.62 15.67
C ALA B 96 5.59 15.01 14.50
N ASP B 97 6.90 15.16 14.71
CA ASP B 97 7.86 15.42 13.62
C ASP B 97 8.39 14.12 13.08
N LEU B 98 8.47 13.10 13.93
CA LEU B 98 9.08 11.81 13.57
C LEU B 98 8.29 10.66 14.16
N TYR B 99 8.11 9.58 13.41
CA TYR B 99 7.48 8.37 13.96
C TYR B 99 8.49 7.22 13.83
N ILE B 100 8.70 6.43 14.91
CA ILE B 100 9.60 5.28 14.83
C ILE B 100 8.84 4.00 15.15
N ALA B 101 8.98 2.97 14.29
CA ALA B 101 8.20 1.70 14.45
C ALA B 101 9.13 0.51 14.30
N ARG B 102 8.82 -0.59 14.97
CA ARG B 102 9.63 -1.82 14.80
C ARG B 102 8.72 -3.08 14.85
N GLY B 103 8.85 -3.95 13.86
CA GLY B 103 7.96 -5.13 13.75
C GLY B 103 8.46 -6.07 12.68
N ARG B 104 7.59 -6.98 12.25
CA ARG B 104 7.90 -7.89 11.14
C ARG B 104 8.06 -7.13 9.85
N LEU B 105 9.00 -7.56 9.04
CA LEU B 105 9.20 -6.97 7.69
C LEU B 105 8.03 -7.18 6.71
N GLY B 106 7.68 -8.46 6.44
CA GLY B 106 6.71 -8.88 5.44
C GLY B 106 5.92 -10.11 5.94
N ALA B 107 6.01 -11.21 5.16
CA ALA B 107 5.40 -12.53 5.46
C ALA B 107 5.99 -13.14 6.71
N PRO B 108 5.24 -14.03 7.37
CA PRO B 108 5.85 -14.77 8.49
C PRO B 108 7.16 -15.43 8.12
N GLY B 109 8.20 -15.22 8.94
CA GLY B 109 9.48 -15.84 8.69
C GLY B 109 10.45 -14.91 8.01
N SER B 110 9.99 -13.68 7.67
CA SER B 110 10.78 -12.69 6.93
C SER B 110 11.65 -11.77 7.81
N GLY B 111 11.63 -11.93 9.12
CA GLY B 111 12.49 -11.10 9.97
C GLY B 111 11.87 -9.79 10.36
N SER B 112 12.70 -8.82 10.78
CA SER B 112 12.23 -7.59 11.37
C SER B 112 12.63 -6.34 10.58
N MET B 113 11.88 -5.27 10.80
CA MET B 113 12.20 -4.02 10.16
C MET B 113 12.07 -2.94 11.26
N LEU B 114 13.09 -2.09 11.40
CA LEU B 114 12.93 -0.81 12.10
C LEU B 114 12.78 0.32 11.06
N VAL B 115 11.82 1.24 11.21
CA VAL B 115 11.57 2.26 10.17
C VAL B 115 11.22 3.62 10.79
N ILE B 116 11.69 4.71 10.18
CA ILE B 116 11.45 6.08 10.64
C ILE B 116 10.64 6.88 9.57
N LEU B 117 9.49 7.46 9.96
CA LEU B 117 8.64 8.24 9.06
C LEU B 117 8.69 9.69 9.48
N ASP B 118 8.48 10.61 8.53
CA ASP B 118 8.25 12.04 8.89
C ASP B 118 6.73 12.31 9.07
N GLU B 119 6.39 13.59 9.24
CA GLU B 119 5.04 14.04 9.59
C GLU B 119 3.99 13.82 8.49
N LYS B 120 4.46 13.52 7.28
CA LYS B 120 3.53 13.18 6.19
C LYS B 120 3.63 11.68 5.84
N GLY B 121 4.32 10.92 6.66
CA GLY B 121 4.44 9.47 6.39
C GLY B 121 5.51 8.96 5.43
N ARG B 122 6.35 9.83 4.90
CA ARG B 122 7.44 9.42 4.00
C ARG B 122 8.48 8.57 4.77
N VAL B 123 9.03 7.54 4.13
CA VAL B 123 10.06 6.67 4.68
C VAL B 123 11.41 7.36 4.56
N LEU B 124 12.04 7.72 5.68
CA LEU B 124 13.34 8.45 5.67
C LEU B 124 14.51 7.48 5.74
N THR B 125 14.40 6.39 6.51
CA THR B 125 15.49 5.41 6.68
C THR B 125 14.93 4.14 7.36
N ALA B 126 15.72 3.06 7.40
CA ALA B 126 15.24 1.78 7.91
C ALA B 126 16.35 0.76 8.18
N SER B 127 16.07 -0.33 8.92
CA SER B 127 17.09 -1.37 9.19
C SER B 127 16.45 -2.74 9.43
N LEU B 128 17.05 -3.82 8.93
CA LEU B 128 16.49 -5.18 9.04
C LEU B 128 17.32 -6.15 9.89
N SER B 129 16.68 -7.10 10.57
CA SER B 129 17.40 -8.26 11.13
C SER B 129 16.75 -9.56 10.62
N PRO B 130 17.50 -10.71 10.64
CA PRO B 130 16.95 -12.06 10.46
C PRO B 130 15.95 -12.46 11.59
N SER B 131 15.21 -13.56 11.45
CA SER B 131 14.38 -14.05 12.55
C SER B 131 15.25 -14.33 13.79
N SER B 132 14.67 -14.28 14.98
CA SER B 132 15.51 -14.55 16.15
C SER B 132 15.98 -16.00 16.23
N VAL B 133 15.24 -16.96 15.64
CA VAL B 133 15.73 -18.31 15.67
C VAL B 133 17.02 -18.44 14.91
N ILE B 134 17.34 -17.46 14.04
CA ILE B 134 18.69 -17.34 13.43
C ILE B 134 19.71 -16.57 14.27
N HIS B 135 19.42 -15.35 14.63
CA HIS B 135 20.46 -14.57 15.35
C HIS B 135 20.54 -14.85 16.85
N LYS B 136 19.43 -15.31 17.46
CA LYS B 136 19.50 -15.72 18.86
C LYS B 136 19.70 -14.64 19.89
N GLU B 137 19.69 -13.36 19.53
CA GLU B 137 19.94 -12.30 20.51
C GLU B 137 18.66 -11.86 21.17
N ASP B 138 18.76 -11.24 22.35
CA ASP B 138 17.59 -10.56 23.02
C ASP B 138 17.07 -9.46 22.15
N ILE B 139 15.78 -9.15 22.33
CA ILE B 139 15.13 -8.14 21.51
C ILE B 139 15.69 -6.74 21.81
N GLU B 140 16.01 -6.43 23.06
CA GLU B 140 16.57 -5.09 23.38
C GLU B 140 17.89 -4.85 22.70
N GLU B 141 18.68 -5.91 22.50
CA GLU B 141 19.99 -5.77 21.82
C GLU B 141 19.87 -5.58 20.32
N ARG B 142 18.98 -6.32 19.70
CA ARG B 142 18.71 -6.19 18.31
C ARG B 142 18.12 -4.83 17.94
N ILE B 143 17.14 -4.33 18.73
CA ILE B 143 16.57 -3.03 18.48
C ILE B 143 17.67 -1.95 18.56
N LYS B 144 18.53 -2.08 19.54
CA LYS B 144 19.66 -1.16 19.68
C LYS B 144 20.55 -1.14 18.40
N LYS B 145 20.91 -2.32 17.86
CA LYS B 145 21.68 -2.42 16.62
C LYS B 145 20.92 -1.81 15.40
N GLU B 146 19.64 -2.16 15.25
CA GLU B 146 18.84 -1.64 14.19
C GLU B 146 18.84 -0.12 14.16
N LEU B 147 18.61 0.50 15.33
CA LEU B 147 18.48 1.95 15.38
C LEU B 147 19.81 2.65 15.05
N ILE B 148 20.92 2.13 15.60
CA ILE B 148 22.24 2.72 15.32
C ILE B 148 22.60 2.69 13.80
N GLU B 149 22.37 1.54 13.13
CA GLU B 149 22.50 1.45 11.68
C GLU B 149 21.53 2.32 10.85
N ALA B 150 20.29 2.49 11.27
CA ALA B 150 19.37 3.35 10.56
C ALA B 150 19.82 4.81 10.52
N LEU B 151 20.35 5.30 11.64
CA LEU B 151 20.87 6.67 11.67
C LEU B 151 22.19 6.76 10.92
N SER B 152 23.12 5.80 11.07
CA SER B 152 24.41 5.99 10.40
C SER B 152 24.33 5.89 8.87
N ARG B 153 23.38 5.12 8.34
CA ARG B 153 23.20 4.98 6.88
C ARG B 153 22.75 6.26 6.15
N ILE B 154 22.12 7.19 6.90
CA ILE B 154 21.78 8.55 6.42
C ILE B 154 22.76 9.62 6.95
N GLY B 155 23.87 9.17 7.58
CA GLY B 155 24.96 10.06 7.99
C GLY B 155 24.95 10.62 9.42
N ILE B 156 24.08 10.12 10.29
CA ILE B 156 24.05 10.56 11.66
C ILE B 156 24.73 9.52 12.54
N SER B 157 25.82 9.94 13.18
CA SER B 157 26.61 9.04 14.03
C SER B 157 26.49 9.43 15.51
N ILE B 158 26.69 8.47 16.41
CA ILE B 158 26.95 8.81 17.82
C ILE B 158 28.43 8.78 18.21
N VAL C 2 -12.89 19.79 17.97
CA VAL C 2 -11.98 18.70 18.46
C VAL C 2 -11.12 18.10 17.33
N VAL C 3 -9.80 17.99 17.53
CA VAL C 3 -8.87 17.62 16.43
C VAL C 3 -9.02 16.18 15.87
N MET C 4 -8.64 15.96 14.59
CA MET C 4 -8.88 14.69 13.90
C MET C 4 -8.22 13.44 14.55
N GLU C 5 -6.96 13.60 15.02
CA GLU C 5 -6.22 12.62 15.78
C GLU C 5 -7.03 11.98 16.91
N GLU C 6 -7.62 12.81 17.77
CA GLU C 6 -8.51 12.36 18.86
C GLU C 6 -9.73 11.55 18.46
N ILE C 7 -10.45 12.01 17.45
CA ILE C 7 -11.61 11.27 16.95
C ILE C 7 -11.24 9.86 16.45
N ILE C 8 -10.08 9.74 15.79
CA ILE C 8 -9.69 8.46 15.24
C ILE C 8 -9.20 7.52 16.35
N LYS C 9 -8.53 8.10 17.35
CA LYS C 9 -8.12 7.33 18.53
C LYS C 9 -9.33 6.65 19.24
N LYS C 10 -10.41 7.41 19.44
CA LYS C 10 -11.64 6.91 20.05
C LYS C 10 -12.26 5.81 19.23
N ALA C 11 -12.31 5.99 17.90
CA ALA C 11 -12.77 4.92 17.01
C ALA C 11 -11.86 3.65 17.05
N PHE C 12 -10.55 3.86 17.18
CA PHE C 12 -9.60 2.76 17.19
C PHE C 12 -9.75 1.90 18.45
N ILE C 13 -10.01 2.55 19.58
CA ILE C 13 -10.16 1.90 20.88
C ILE C 13 -11.54 1.19 20.99
N GLU C 14 -12.57 1.80 20.42
CA GLU C 14 -13.84 1.08 20.22
C GLU C 14 -13.65 -0.25 19.48
N SER C 15 -12.85 -0.27 18.39
CA SER C 15 -12.62 -1.52 17.66
C SER C 15 -11.79 -2.51 18.48
N ILE C 16 -10.74 -2.06 19.14
CA ILE C 16 -9.98 -2.95 20.06
C ILE C 16 -10.87 -3.70 21.06
N ASN C 17 -11.86 -3.00 21.64
CA ASN C 17 -12.83 -3.57 22.62
C ASN C 17 -14.14 -4.18 22.02
N ASN C 18 -14.22 -4.34 20.70
CA ASN C 18 -15.38 -4.99 20.06
C ASN C 18 -16.67 -4.25 20.32
N ILE C 19 -16.55 -2.93 20.39
CA ILE C 19 -17.66 -2.01 20.65
C ILE C 19 -17.99 -1.13 19.43
N ARG C 20 -17.29 -1.28 18.30
CA ARG C 20 -17.56 -0.39 17.16
C ARG C 20 -18.79 -0.80 16.35
N ARG C 21 -19.74 0.12 16.26
CA ARG C 21 -21.00 -0.19 15.62
C ARG C 21 -21.23 0.73 14.43
N GLY C 22 -20.17 1.06 13.69
CA GLY C 22 -20.27 1.96 12.51
C GLY C 22 -19.74 3.38 12.68
N ASP C 23 -19.82 4.16 11.60
CA ASP C 23 -19.43 5.57 11.55
C ASP C 23 -20.26 6.38 12.55
N LYS C 24 -19.64 7.33 13.24
CA LYS C 24 -20.37 8.15 14.20
C LYS C 24 -20.66 9.54 13.67
N GLU C 25 -21.63 10.20 14.29
CA GLU C 25 -22.02 11.57 13.98
C GLU C 25 -20.82 12.54 14.02
N GLU C 26 -20.09 12.52 15.14
CA GLU C 26 -18.89 13.37 15.31
C GLU C 26 -17.83 13.15 14.14
N GLU C 27 -17.71 11.92 13.64
CA GLU C 27 -16.80 11.65 12.51
C GLU C 27 -17.28 12.30 11.20
N LEU C 28 -18.55 12.18 10.86
CA LEU C 28 -19.06 12.91 9.71
C LEU C 28 -18.86 14.43 9.83
N LYS C 29 -19.21 15.00 10.99
CA LYS C 29 -19.07 16.44 11.15
C LYS C 29 -17.60 16.87 10.99
N LYS C 30 -16.66 16.06 11.44
CA LYS C 30 -15.26 16.48 11.35
C LYS C 30 -14.73 16.51 9.92
N ILE C 31 -15.10 15.48 9.15
CA ILE C 31 -14.84 15.45 7.71
C ILE C 31 -15.46 16.68 6.97
N GLN C 32 -16.76 16.90 7.24
CA GLN C 32 -17.47 18.05 6.68
C GLN C 32 -16.72 19.32 6.94
N GLU C 33 -16.27 19.52 8.17
CA GLU C 33 -15.53 20.70 8.50
C GLU C 33 -14.17 20.83 7.77
N LYS C 34 -13.42 19.74 7.71
CA LYS C 34 -12.16 19.72 7.00
C LYS C 34 -12.31 20.15 5.55
N ILE C 35 -13.46 19.85 4.96
CA ILE C 35 -13.67 20.16 3.56
C ILE C 35 -14.14 21.62 3.35
N VAL C 36 -15.17 22.06 4.10
CA VAL C 36 -15.67 23.43 3.90
C VAL C 36 -14.68 24.47 4.41
N ASN C 37 -13.82 24.12 5.37
CA ASN C 37 -12.84 25.08 5.92
C ASN C 37 -11.41 25.04 5.35
N ALA C 38 -11.13 24.17 4.39
CA ALA C 38 -9.79 24.14 3.79
C ALA C 38 -9.40 25.50 3.20
N LYS C 39 -8.18 25.98 3.47
CA LYS C 39 -7.68 27.23 2.89
C LYS C 39 -6.94 26.98 1.54
N LYS C 40 -6.44 25.74 1.35
CA LYS C 40 -5.68 25.40 0.13
C LYS C 40 -5.96 23.99 -0.35
N ILE C 41 -6.30 23.87 -1.63
CA ILE C 41 -6.59 22.60 -2.29
C ILE C 41 -5.70 22.40 -3.52
N VAL C 42 -5.02 21.26 -3.56
CA VAL C 42 -4.32 20.76 -4.75
C VAL C 42 -5.12 19.71 -5.59
N VAL C 43 -5.36 19.99 -6.88
CA VAL C 43 -5.94 18.98 -7.79
C VAL C 43 -4.79 18.19 -8.47
N ALA C 44 -4.71 16.89 -8.21
CA ALA C 44 -3.56 16.07 -8.62
C ALA C 44 -3.52 15.68 -10.13
N THR C 45 -3.41 16.70 -10.98
CA THR C 45 -3.53 16.57 -12.45
C THR C 45 -2.80 17.72 -13.14
N ASN C 46 -2.52 17.60 -14.43
CA ASN C 46 -2.10 18.76 -15.21
C ASN C 46 -2.90 18.90 -16.50
N ASN C 47 -3.96 18.11 -16.63
CA ASN C 47 -4.94 18.34 -17.66
C ASN C 47 -5.93 19.47 -17.28
N GLN C 48 -5.93 20.55 -18.06
CA GLN C 48 -6.77 21.75 -17.83
C GLN C 48 -8.30 21.52 -17.82
N LYS C 49 -8.83 20.64 -18.68
CA LYS C 49 -10.26 20.24 -18.66
C LYS C 49 -10.72 19.63 -17.33
N LYS C 50 -9.94 18.68 -16.81
CA LYS C 50 -10.29 18.01 -15.54
C LYS C 50 -10.29 19.06 -14.42
N PHE C 51 -9.23 19.87 -14.43
CA PHE C 51 -8.94 20.86 -13.41
C PHE C 51 -10.10 21.81 -13.25
N LYS C 52 -10.60 22.28 -14.39
CA LYS C 52 -11.63 23.29 -14.48
C LYS C 52 -13.00 22.85 -13.92
N VAL C 53 -13.48 21.66 -14.28
CA VAL C 53 -14.75 21.13 -13.73
C VAL C 53 -14.65 21.04 -12.20
N ILE C 54 -13.55 20.49 -11.73
CA ILE C 54 -13.33 20.34 -10.29
C ILE C 54 -13.16 21.65 -9.52
N ARG C 55 -12.48 22.64 -10.11
CA ARG C 55 -12.25 23.90 -9.44
C ARG C 55 -13.55 24.66 -9.25
N ASP C 56 -14.38 24.64 -10.31
CA ASP C 56 -15.62 25.36 -10.33
C ASP C 56 -16.60 24.79 -9.33
N ILE C 57 -16.60 23.48 -9.12
CA ILE C 57 -17.54 22.88 -8.14
C ILE C 57 -17.11 23.13 -6.69
N MET C 58 -15.84 22.92 -6.41
CA MET C 58 -15.32 23.14 -5.07
C MET C 58 -15.53 24.58 -4.61
N LEU C 59 -15.50 25.51 -5.57
CA LEU C 59 -15.66 26.94 -5.26
C LEU C 59 -17.04 27.31 -4.66
N ARG C 60 -17.99 26.39 -4.72
CA ARG C 60 -19.36 26.55 -4.22
C ARG C 60 -19.52 25.98 -2.83
N VAL C 61 -18.54 25.24 -2.34
CA VAL C 61 -18.66 24.62 -0.98
C VAL C 61 -17.61 25.13 -0.01
N CYS C 62 -16.53 25.68 -0.56
CA CYS C 62 -15.50 26.25 0.28
C CYS C 62 -14.93 27.52 -0.34
N ASN C 63 -13.95 28.12 0.34
CA ASN C 63 -13.36 29.39 -0.07
C ASN C 63 -11.85 29.31 0.03
N ALA C 64 -11.27 28.51 -0.86
CA ALA C 64 -9.85 28.18 -0.81
C ALA C 64 -9.13 28.56 -2.09
N GLU C 65 -7.81 28.69 -1.99
CA GLU C 65 -7.01 28.80 -3.18
C GLU C 65 -6.90 27.37 -3.73
N ILE C 66 -7.11 27.23 -5.03
CA ILE C 66 -7.17 25.91 -5.67
C ILE C 66 -6.26 25.79 -6.90
N LYS C 67 -5.16 25.05 -6.80
CA LYS C 67 -4.18 24.93 -7.90
C LYS C 67 -4.01 23.51 -8.52
N MET C 68 -3.53 23.43 -9.77
CA MET C 68 -3.25 22.14 -10.38
C MET C 68 -1.76 21.79 -10.28
N LEU C 69 -1.39 20.56 -10.67
CA LEU C 69 0.03 20.22 -10.56
C LEU C 69 0.86 20.60 -11.76
N ASP C 70 2.15 20.55 -11.51
CA ASP C 70 3.17 21.00 -12.42
C ASP C 70 3.67 19.95 -13.43
N ILE C 71 3.44 18.68 -13.16
CA ILE C 71 4.07 17.57 -13.84
C ILE C 71 2.95 16.63 -14.26
N ASP C 72 3.21 15.67 -15.14
CA ASP C 72 2.11 14.85 -15.68
C ASP C 72 1.88 13.69 -14.72
N THR C 73 0.64 13.55 -14.22
CA THR C 73 0.35 12.40 -13.34
C THR C 73 -0.02 11.10 -14.05
N ARG C 74 -0.01 11.10 -15.36
CA ARG C 74 -0.27 9.85 -16.10
C ARG C 74 0.66 8.67 -15.68
N PHE C 75 1.82 8.97 -15.07
CA PHE C 75 2.76 7.88 -14.72
C PHE C 75 2.32 6.98 -13.56
N ALA C 76 1.33 7.47 -12.80
CA ALA C 76 0.60 6.71 -11.82
C ALA C 76 -0.11 5.45 -12.38
N ASP C 77 -0.43 5.48 -13.68
CA ASP C 77 -1.17 4.40 -14.38
C ASP C 77 -0.38 3.08 -14.46
N LEU C 78 0.83 3.00 -13.88
CA LEU C 78 1.60 1.75 -13.85
C LEU C 78 1.54 1.03 -12.49
N THR C 79 0.89 1.66 -11.51
CA THR C 79 0.73 1.10 -10.16
C THR C 79 -0.60 0.33 -10.04
N ARG C 80 -0.77 -0.35 -8.91
CA ARG C 80 -1.91 -1.22 -8.63
C ARG C 80 -3.26 -0.44 -8.52
N MET C 81 -3.18 0.78 -7.97
CA MET C 81 -4.33 1.68 -7.70
C MET C 81 -4.01 3.12 -8.11
N PRO C 82 -4.08 3.40 -9.43
CA PRO C 82 -3.61 4.69 -10.01
C PRO C 82 -4.18 5.95 -9.40
N ALA C 83 -5.47 5.99 -9.12
CA ALA C 83 -6.08 7.21 -8.55
C ALA C 83 -5.47 7.57 -7.19
N LEU C 84 -5.38 6.56 -6.33
CA LEU C 84 -4.73 6.69 -5.06
C LEU C 84 -3.26 7.24 -5.17
N THR C 85 -2.45 6.60 -6.03
CA THR C 85 -1.10 7.00 -6.30
C THR C 85 -1.02 8.49 -6.74
N LYS C 86 -1.93 8.96 -7.60
CA LYS C 86 -1.94 10.36 -8.04
C LYS C 86 -2.04 11.28 -6.81
N GLY C 87 -2.87 10.93 -5.84
CA GLY C 87 -3.01 11.77 -4.65
C GLY C 87 -1.75 11.91 -3.81
N LEU C 88 -1.02 10.81 -3.69
CA LEU C 88 0.13 10.71 -2.86
C LEU C 88 1.32 11.39 -3.54
N ILE C 89 1.30 11.46 -4.86
CA ILE C 89 2.34 12.14 -5.63
C ILE C 89 2.17 13.64 -5.29
N ALA C 90 0.92 14.14 -5.38
CA ALA C 90 0.60 15.53 -5.03
C ALA C 90 1.05 15.89 -3.59
N LEU C 91 0.75 14.98 -2.67
CA LEU C 91 1.05 15.15 -1.28
C LEU C 91 2.56 15.27 -1.07
N ASP C 92 3.34 14.49 -1.82
CA ASP C 92 4.79 14.56 -1.74
C ASP C 92 5.39 15.89 -2.19
N ILE C 93 4.72 16.61 -3.12
CA ILE C 93 5.34 17.82 -3.74
C ILE C 93 4.63 19.19 -3.54
N GLU C 94 3.64 19.27 -2.66
CA GLU C 94 2.95 20.53 -2.36
C GLU C 94 2.35 20.46 -0.99
N LYS C 95 2.47 21.54 -0.21
CA LYS C 95 1.70 21.69 1.05
C LYS C 95 0.28 22.12 0.73
N ALA C 96 -0.69 21.41 1.30
CA ALA C 96 -2.10 21.77 1.17
C ALA C 96 -2.94 21.07 2.22
N ASP C 97 -4.17 21.54 2.38
CA ASP C 97 -5.09 21.02 3.39
C ASP C 97 -5.91 19.88 2.77
N LEU C 98 -6.01 19.84 1.43
CA LEU C 98 -6.85 18.86 0.74
C LEU C 98 -6.26 18.50 -0.65
N TYR C 99 -6.21 17.21 -1.01
CA TYR C 99 -5.74 16.76 -2.36
C TYR C 99 -6.88 15.99 -3.06
N ILE C 100 -7.19 16.34 -4.31
CA ILE C 100 -8.29 15.67 -5.04
C ILE C 100 -7.69 15.00 -6.27
N ALA C 101 -8.00 13.72 -6.53
CA ALA C 101 -7.37 13.01 -7.68
C ALA C 101 -8.37 12.09 -8.32
N ARG C 102 -8.32 11.96 -9.65
CA ARG C 102 -9.25 11.17 -10.45
C ARG C 102 -8.50 10.30 -11.47
N GLY C 103 -8.71 8.98 -11.41
CA GLY C 103 -8.02 8.06 -12.33
C GLY C 103 -8.66 6.67 -12.36
N ARG C 104 -7.94 5.71 -12.92
CA ARG C 104 -8.38 4.34 -12.83
C ARG C 104 -8.40 3.86 -11.36
N LEU C 105 -9.45 3.12 -10.98
CA LEU C 105 -9.58 2.45 -9.67
C LEU C 105 -8.44 1.41 -9.41
N GLY C 106 -8.37 0.36 -10.25
CA GLY C 106 -7.44 -0.78 -10.04
C GLY C 106 -6.75 -1.26 -11.33
N ALA C 107 -6.94 -2.52 -11.66
CA ALA C 107 -6.45 -3.08 -12.90
C ALA C 107 -7.15 -2.47 -14.13
N PRO C 108 -6.47 -2.48 -15.29
CA PRO C 108 -7.09 -2.08 -16.54
C PRO C 108 -8.44 -2.78 -16.73
N GLY C 109 -9.49 -1.98 -17.01
CA GLY C 109 -10.85 -2.50 -17.16
C GLY C 109 -11.76 -2.25 -15.93
N SER C 110 -11.20 -1.72 -14.83
CA SER C 110 -11.89 -1.61 -13.53
C SER C 110 -12.68 -0.29 -13.32
N GLY C 111 -12.64 0.61 -14.32
CA GLY C 111 -13.34 1.90 -14.25
C GLY C 111 -12.61 2.97 -13.44
N SER C 112 -13.36 4.00 -13.08
CA SER C 112 -12.84 5.17 -12.40
C SER C 112 -13.04 5.31 -10.93
N MET C 113 -12.15 6.09 -10.34
CA MET C 113 -12.23 6.50 -8.94
C MET C 113 -11.81 7.97 -8.81
N LEU C 114 -12.66 8.74 -8.16
CA LEU C 114 -12.32 10.04 -7.65
C LEU C 114 -12.23 9.95 -6.10
N VAL C 115 -11.11 10.41 -5.55
CA VAL C 115 -10.85 10.35 -4.12
C VAL C 115 -10.38 11.73 -3.56
N ILE C 116 -10.68 11.99 -2.29
CA ILE C 116 -10.27 13.24 -1.61
C ILE C 116 -9.41 12.86 -0.40
N LEU C 117 -8.20 13.38 -0.32
CA LEU C 117 -7.26 13.05 0.78
C LEU C 117 -7.11 14.30 1.66
N ASP C 118 -6.84 14.11 2.96
CA ASP C 118 -6.46 15.25 3.84
C ASP C 118 -4.95 15.46 3.86
N GLU C 119 -4.46 16.44 4.63
CA GLU C 119 -3.02 16.80 4.63
C GLU C 119 -2.07 15.70 5.11
N LYS C 120 -2.60 14.56 5.56
CA LYS C 120 -1.73 13.46 6.01
C LYS C 120 -2.03 12.18 5.24
N GLY C 121 -2.80 12.34 4.17
CA GLY C 121 -2.98 11.26 3.23
C GLY C 121 -4.14 10.36 3.55
N ARG C 122 -4.89 10.68 4.60
CA ARG C 122 -6.08 9.92 4.96
C ARG C 122 -7.15 10.03 3.86
N VAL C 123 -7.86 8.93 3.63
CA VAL C 123 -8.96 8.85 2.69
C VAL C 123 -10.27 9.29 3.35
N LEU C 124 -10.79 10.46 2.92
CA LEU C 124 -12.02 11.04 3.49
C LEU C 124 -13.33 10.59 2.79
N THR C 125 -13.31 10.48 1.46
CA THR C 125 -14.50 10.12 0.66
C THR C 125 -14.02 9.78 -0.78
N ALA C 126 -14.88 9.11 -1.55
CA ALA C 126 -14.59 8.70 -2.94
C ALA C 126 -15.88 8.33 -3.72
N SER C 127 -15.83 8.30 -5.06
CA SER C 127 -16.95 7.78 -5.89
C SER C 127 -16.39 7.09 -7.12
N LEU C 128 -17.15 6.16 -7.70
CA LEU C 128 -16.67 5.27 -8.80
C LEU C 128 -17.57 5.32 -10.07
N SER C 129 -17.00 5.24 -11.27
CA SER C 129 -17.81 5.02 -12.49
C SER C 129 -17.30 3.80 -13.21
N PRO C 130 -18.18 3.16 -14.03
CA PRO C 130 -17.73 2.08 -14.96
C PRO C 130 -16.76 2.62 -16.05
N SER C 131 -16.21 1.72 -16.88
CA SER C 131 -15.39 2.09 -18.04
C SER C 131 -16.28 2.97 -18.95
N SER C 132 -15.66 3.88 -19.70
CA SER C 132 -16.48 4.76 -20.55
C SER C 132 -17.15 4.01 -21.73
N VAL C 133 -16.54 2.90 -22.14
CA VAL C 133 -17.18 2.07 -23.16
C VAL C 133 -18.53 1.53 -22.70
N ILE C 134 -18.80 1.57 -21.40
CA ILE C 134 -20.14 1.25 -20.86
C ILE C 134 -21.05 2.48 -20.73
N HIS C 135 -20.59 3.54 -20.08
CA HIS C 135 -21.51 4.65 -19.77
C HIS C 135 -21.73 5.63 -20.92
N LYS C 136 -20.75 5.70 -21.83
CA LYS C 136 -20.80 6.54 -23.06
C LYS C 136 -21.00 8.03 -22.80
N GLU C 137 -20.40 8.55 -21.75
CA GLU C 137 -20.51 9.98 -21.45
C GLU C 137 -19.23 10.76 -21.63
N ASP C 138 -19.40 12.02 -21.97
CA ASP C 138 -18.43 13.10 -21.79
C ASP C 138 -17.58 12.94 -20.50
N ILE C 139 -16.27 13.05 -20.60
CA ILE C 139 -15.41 12.94 -19.41
C ILE C 139 -15.67 14.08 -18.43
N GLU C 140 -15.97 15.26 -18.94
CA GLU C 140 -16.33 16.40 -18.08
C GLU C 140 -17.65 16.16 -17.30
N GLU C 141 -18.62 15.52 -17.95
CA GLU C 141 -19.91 15.15 -17.34
C GLU C 141 -19.75 14.14 -16.23
N ARG C 142 -18.90 13.16 -16.49
CA ARG C 142 -18.61 12.11 -15.56
C ARG C 142 -17.91 12.59 -14.29
N ILE C 143 -16.92 13.48 -14.47
CA ILE C 143 -16.17 14.02 -13.33
C ILE C 143 -17.10 14.82 -12.47
N LYS C 144 -17.94 15.62 -13.10
CA LYS C 144 -19.02 16.36 -12.42
C LYS C 144 -19.95 15.47 -11.53
N LYS C 145 -20.49 14.38 -12.07
CA LYS C 145 -21.27 13.46 -11.26
C LYS C 145 -20.43 12.77 -10.19
N GLU C 146 -19.13 12.53 -10.43
CA GLU C 146 -18.35 11.82 -9.41
C GLU C 146 -18.14 12.72 -8.19
N LEU C 147 -17.77 13.98 -8.45
CA LEU C 147 -17.56 14.94 -7.36
C LEU C 147 -18.82 15.22 -6.54
N ILE C 148 -19.95 15.44 -7.21
CA ILE C 148 -21.21 15.65 -6.48
C ILE C 148 -21.59 14.50 -5.56
N GLU C 149 -21.52 13.26 -6.04
CA GLU C 149 -21.72 12.08 -5.16
C GLU C 149 -20.67 11.96 -4.00
N ALA C 150 -19.42 12.32 -4.24
CA ALA C 150 -18.41 12.16 -3.19
C ALA C 150 -18.69 13.13 -2.08
N LEU C 151 -19.32 14.27 -2.41
CA LEU C 151 -19.68 15.24 -1.39
C LEU C 151 -20.96 14.86 -0.65
N SER C 152 -21.96 14.36 -1.38
CA SER C 152 -23.25 14.10 -0.74
C SER C 152 -23.23 12.91 0.18
N ARG C 153 -22.34 11.95 -0.10
CA ARG C 153 -22.23 10.74 0.71
C ARG C 153 -21.59 11.00 2.08
N ILE C 154 -20.91 12.14 2.24
CA ILE C 154 -20.44 12.53 3.57
C ILE C 154 -21.16 13.80 4.06
N GLY C 155 -22.21 14.17 3.34
CA GLY C 155 -23.23 15.10 3.87
C GLY C 155 -23.18 16.55 3.42
N ILE C 156 -22.43 16.83 2.34
CA ILE C 156 -22.36 18.18 1.77
C ILE C 156 -23.16 18.18 0.47
N SER C 157 -24.08 19.12 0.40
CA SER C 157 -24.93 19.25 -0.76
C SER C 157 -24.56 20.57 -1.41
N ILE C 158 -24.45 20.58 -2.75
CA ILE C 158 -24.20 21.83 -3.51
C ILE C 158 -25.15 23.01 -3.16
N VAL D 2 -6.03 -14.95 -24.59
CA VAL D 2 -4.75 -14.30 -24.13
C VAL D 2 -4.73 -14.07 -22.61
N VAL D 3 -3.60 -14.37 -21.97
CA VAL D 3 -3.44 -14.25 -20.50
C VAL D 3 -3.59 -12.80 -20.00
N MET D 4 -4.06 -12.63 -18.77
CA MET D 4 -4.18 -11.31 -18.11
C MET D 4 -2.88 -10.48 -18.07
N GLU D 5 -1.77 -11.12 -17.72
CA GLU D 5 -0.45 -10.47 -17.75
C GLU D 5 -0.20 -9.71 -19.07
N GLU D 6 -0.53 -10.33 -20.20
CA GLU D 6 -0.33 -9.73 -21.53
C GLU D 6 -1.19 -8.50 -21.82
N ILE D 7 -2.50 -8.57 -21.50
CA ILE D 7 -3.41 -7.45 -21.67
C ILE D 7 -2.94 -6.22 -20.83
N ILE D 8 -2.45 -6.48 -19.62
CA ILE D 8 -1.94 -5.46 -18.70
C ILE D 8 -0.61 -4.80 -19.20
N LYS D 9 0.33 -5.63 -19.66
CA LYS D 9 1.52 -5.07 -20.29
C LYS D 9 1.14 -4.13 -21.46
N LYS D 10 0.14 -4.50 -22.26
CA LYS D 10 -0.29 -3.53 -23.29
C LYS D 10 -0.90 -2.21 -22.77
N ALA D 11 -1.74 -2.25 -21.73
CA ALA D 11 -2.28 -1.01 -21.21
C ALA D 11 -1.12 -0.11 -20.65
N PHE D 12 -0.07 -0.77 -20.10
CA PHE D 12 1.05 -0.04 -19.49
C PHE D 12 1.90 0.62 -20.56
N ILE D 13 2.17 -0.12 -21.65
CA ILE D 13 2.86 0.46 -22.82
C ILE D 13 2.10 1.68 -23.41
N GLU D 14 0.75 1.61 -23.46
CA GLU D 14 -0.08 2.79 -23.89
C GLU D 14 0.18 4.05 -23.05
N SER D 15 0.16 3.87 -21.73
CA SER D 15 0.49 4.95 -20.82
C SER D 15 1.94 5.51 -20.97
N ILE D 16 2.94 4.66 -21.13
CA ILE D 16 4.29 5.15 -21.30
C ILE D 16 4.38 6.01 -22.56
N ASN D 17 3.75 5.52 -23.64
CA ASN D 17 3.80 6.21 -24.91
C ASN D 17 2.69 7.29 -25.01
N ASN D 18 2.00 7.60 -23.91
CA ASN D 18 0.98 8.72 -23.94
C ASN D 18 -0.18 8.59 -24.93
N ILE D 19 -0.72 7.39 -25.14
CA ILE D 19 -1.83 7.19 -26.08
C ILE D 19 -2.93 6.37 -25.43
N ARG D 20 -2.88 6.26 -24.11
CA ARG D 20 -3.91 5.53 -23.38
C ARG D 20 -5.19 6.37 -23.26
N ARG D 21 -6.26 5.89 -23.89
CA ARG D 21 -7.54 6.63 -23.98
C ARG D 21 -8.74 5.95 -23.26
N GLY D 22 -8.51 5.38 -22.08
CA GLY D 22 -9.54 4.70 -21.25
C GLY D 22 -9.49 3.19 -21.25
N ASP D 23 -10.46 2.57 -20.56
CA ASP D 23 -10.61 1.10 -20.52
C ASP D 23 -10.98 0.62 -21.89
N LYS D 24 -10.46 -0.56 -22.25
CA LYS D 24 -10.78 -1.24 -23.54
C LYS D 24 -11.72 -2.43 -23.37
N GLU D 25 -12.50 -2.68 -24.43
CA GLU D 25 -13.34 -3.87 -24.61
C GLU D 25 -12.69 -5.18 -24.18
N GLU D 26 -11.50 -5.47 -24.74
CA GLU D 26 -10.78 -6.71 -24.48
C GLU D 26 -10.52 -6.88 -22.95
N GLU D 27 -10.24 -5.77 -22.28
CA GLU D 27 -9.96 -5.73 -20.84
C GLU D 27 -11.22 -6.12 -20.05
N LEU D 28 -12.35 -5.51 -20.40
CA LEU D 28 -13.59 -5.84 -19.76
C LEU D 28 -13.94 -7.32 -19.94
N LYS D 29 -13.79 -7.83 -21.16
CA LYS D 29 -14.01 -9.24 -21.44
C LYS D 29 -13.22 -10.15 -20.52
N LYS D 30 -11.96 -9.81 -20.31
CA LYS D 30 -11.09 -10.62 -19.46
C LYS D 30 -11.57 -10.67 -18.02
N ILE D 31 -12.02 -9.52 -17.50
CA ILE D 31 -12.57 -9.41 -16.14
C ILE D 31 -13.86 -10.24 -16.06
N GLN D 32 -14.71 -10.16 -17.08
CA GLN D 32 -15.94 -11.01 -17.09
C GLN D 32 -15.61 -12.49 -17.00
N GLU D 33 -14.67 -12.95 -17.82
CA GLU D 33 -14.27 -14.36 -17.84
C GLU D 33 -13.78 -14.93 -16.49
N LYS D 34 -12.87 -14.17 -15.85
CA LYS D 34 -12.32 -14.50 -14.54
C LYS D 34 -13.38 -14.72 -13.48
N ILE D 35 -14.39 -13.84 -13.49
CA ILE D 35 -15.54 -13.93 -12.58
C ILE D 35 -16.51 -15.09 -12.91
N VAL D 36 -17.02 -15.20 -14.15
CA VAL D 36 -17.97 -16.28 -14.45
C VAL D 36 -17.35 -17.69 -14.48
N ASN D 37 -16.07 -17.83 -14.82
CA ASN D 37 -15.44 -19.15 -14.74
C ASN D 37 -14.68 -19.51 -13.49
N ALA D 38 -14.80 -18.70 -12.43
CA ALA D 38 -14.16 -19.01 -11.14
C ALA D 38 -14.60 -20.38 -10.57
N LYS D 39 -13.67 -21.09 -9.92
CA LYS D 39 -14.00 -22.42 -9.36
C LYS D 39 -14.05 -22.42 -7.84
N LYS D 40 -13.26 -21.55 -7.23
CA LYS D 40 -13.25 -21.33 -5.80
C LYS D 40 -13.39 -19.85 -5.52
N ILE D 41 -14.32 -19.49 -4.62
CA ILE D 41 -14.45 -18.10 -4.17
C ILE D 41 -14.40 -18.05 -2.64
N VAL D 42 -13.67 -17.09 -2.08
CA VAL D 42 -13.58 -16.87 -0.65
C VAL D 42 -14.19 -15.51 -0.27
N VAL D 43 -15.17 -15.53 0.62
CA VAL D 43 -15.79 -14.31 1.17
C VAL D 43 -15.26 -14.00 2.60
N ALA D 44 -14.60 -12.87 2.79
CA ALA D 44 -14.18 -12.45 4.14
C ALA D 44 -15.31 -11.72 4.96
N THR D 45 -16.07 -12.46 5.76
CA THR D 45 -16.90 -11.80 6.79
C THR D 45 -16.83 -12.60 8.07
N ASN D 46 -17.29 -11.97 9.15
CA ASN D 46 -17.75 -12.68 10.33
C ASN D 46 -19.14 -13.12 9.89
N ASN D 47 -19.99 -13.52 10.81
CA ASN D 47 -21.41 -13.40 10.55
C ASN D 47 -21.98 -14.23 9.41
N GLN D 48 -22.74 -15.24 9.80
CA GLN D 48 -23.29 -16.21 8.87
C GLN D 48 -24.38 -15.72 7.90
N LYS D 49 -24.85 -14.49 8.09
CA LYS D 49 -25.90 -13.98 7.19
C LYS D 49 -25.46 -12.89 6.20
N LYS D 50 -24.35 -12.20 6.49
CA LYS D 50 -23.71 -11.42 5.42
C LYS D 50 -23.20 -12.42 4.37
N PHE D 51 -22.55 -13.50 4.83
CA PHE D 51 -22.16 -14.60 3.94
C PHE D 51 -23.28 -15.10 2.98
N LYS D 52 -24.47 -15.34 3.52
CA LYS D 52 -25.63 -15.83 2.75
C LYS D 52 -26.12 -14.89 1.59
N VAL D 53 -26.17 -13.57 1.82
CA VAL D 53 -26.55 -12.60 0.79
C VAL D 53 -25.56 -12.65 -0.39
N ILE D 54 -24.26 -12.62 -0.08
CA ILE D 54 -23.22 -12.67 -1.07
C ILE D 54 -23.17 -14.01 -1.77
N ARG D 55 -23.29 -15.12 -1.04
CA ARG D 55 -23.25 -16.43 -1.70
C ARG D 55 -24.45 -16.66 -2.65
N ASP D 56 -25.65 -16.29 -2.25
CA ASP D 56 -26.82 -16.42 -3.14
C ASP D 56 -26.73 -15.56 -4.42
N ILE D 57 -26.15 -14.37 -4.33
CA ILE D 57 -25.94 -13.57 -5.54
C ILE D 57 -24.85 -14.19 -6.43
N MET D 58 -23.75 -14.67 -5.87
CA MET D 58 -22.67 -15.19 -6.72
C MET D 58 -23.01 -16.50 -7.46
N LEU D 59 -23.80 -17.38 -6.84
CA LEU D 59 -24.26 -18.60 -7.50
C LEU D 59 -25.14 -18.34 -8.73
N ARG D 60 -25.64 -17.12 -8.88
CA ARG D 60 -26.41 -16.76 -10.08
C ARG D 60 -25.52 -16.45 -11.31
N VAL D 61 -24.29 -16.00 -11.04
CA VAL D 61 -23.33 -15.75 -12.13
C VAL D 61 -22.22 -16.77 -12.33
N CYS D 62 -22.08 -17.75 -11.45
CA CYS D 62 -21.02 -18.77 -11.61
C CYS D 62 -21.30 -20.06 -10.87
N ASN D 63 -20.54 -21.10 -11.18
CA ASN D 63 -20.74 -22.44 -10.63
C ASN D 63 -19.55 -22.79 -9.77
N ALA D 64 -19.34 -22.02 -8.71
CA ALA D 64 -18.15 -22.16 -7.88
C ALA D 64 -18.48 -22.68 -6.47
N GLU D 65 -17.48 -23.27 -5.82
CA GLU D 65 -17.60 -23.56 -4.42
C GLU D 65 -17.36 -22.21 -3.74
N ILE D 66 -18.24 -21.86 -2.79
CA ILE D 66 -18.12 -20.63 -2.03
C ILE D 66 -18.04 -20.88 -0.54
N LYS D 67 -16.95 -20.38 0.06
CA LYS D 67 -16.53 -20.61 1.41
C LYS D 67 -16.42 -19.28 2.19
N MET D 68 -16.96 -19.28 3.40
CA MET D 68 -16.75 -18.20 4.36
C MET D 68 -15.38 -18.32 5.06
N LEU D 69 -14.85 -17.16 5.44
CA LEU D 69 -13.60 -17.08 6.15
C LEU D 69 -13.73 -16.01 7.22
N ASP D 70 -13.68 -16.40 8.49
CA ASP D 70 -13.92 -15.51 9.64
C ASP D 70 -12.70 -14.67 10.16
N ILE D 71 -12.65 -13.42 9.70
CA ILE D 71 -11.54 -12.45 9.92
C ILE D 71 -11.67 -11.65 11.22
N ASP D 72 -10.92 -11.96 12.27
CA ASP D 72 -10.96 -11.07 13.46
C ASP D 72 -10.66 -9.61 12.98
N THR D 73 -11.71 -8.78 12.90
CA THR D 73 -11.61 -7.46 12.26
C THR D 73 -10.82 -6.39 13.06
N ARG D 74 -10.50 -6.66 14.32
CA ARG D 74 -9.57 -5.79 15.06
C ARG D 74 -8.26 -5.70 14.30
N PHE D 75 -8.03 -6.68 13.42
CA PHE D 75 -6.78 -6.75 12.72
C PHE D 75 -6.89 -6.10 11.36
N ALA D 76 -8.04 -5.47 11.09
CA ALA D 76 -8.20 -4.72 9.86
C ALA D 76 -8.68 -3.25 10.05
N ASP D 77 -9.45 -2.98 11.10
CA ASP D 77 -10.08 -1.66 11.25
C ASP D 77 -9.17 -0.58 11.88
N LEU D 78 -7.88 -0.86 12.12
CA LEU D 78 -6.95 0.22 12.49
C LEU D 78 -6.01 0.56 11.30
N THR D 79 -6.26 -0.08 10.15
CA THR D 79 -5.43 0.22 8.93
C THR D 79 -6.03 1.38 8.13
N ARG D 80 -5.27 1.97 7.21
CA ARG D 80 -5.77 3.09 6.37
C ARG D 80 -7.04 2.82 5.55
N MET D 81 -7.19 1.56 5.12
CA MET D 81 -8.21 1.17 4.19
C MET D 81 -8.72 -0.24 4.54
N PRO D 82 -9.64 -0.30 5.50
CA PRO D 82 -10.03 -1.57 6.11
C PRO D 82 -10.56 -2.67 5.15
N ALA D 83 -11.40 -2.32 4.17
CA ALA D 83 -12.01 -3.35 3.32
C ALA D 83 -10.90 -4.00 2.54
N LEU D 84 -10.02 -3.16 2.00
CA LEU D 84 -8.95 -3.66 1.14
C LEU D 84 -7.99 -4.55 1.95
N THR D 85 -7.67 -4.13 3.16
CA THR D 85 -6.91 -4.96 4.09
C THR D 85 -7.57 -6.35 4.27
N LYS D 86 -8.89 -6.38 4.44
CA LYS D 86 -9.63 -7.64 4.67
C LYS D 86 -9.43 -8.65 3.54
N GLY D 87 -9.57 -8.20 2.29
CA GLY D 87 -9.39 -9.05 1.14
C GLY D 87 -8.00 -9.65 1.05
N LEU D 88 -6.98 -8.85 1.39
CA LEU D 88 -5.59 -9.26 1.33
C LEU D 88 -5.22 -10.28 2.43
N ILE D 89 -5.86 -10.18 3.60
CA ILE D 89 -5.72 -11.16 4.70
C ILE D 89 -6.21 -12.50 4.16
N ALA D 90 -7.39 -12.48 3.53
CA ALA D 90 -7.96 -13.68 2.88
C ALA D 90 -7.03 -14.26 1.82
N LEU D 91 -6.45 -13.38 1.00
CA LEU D 91 -5.48 -13.77 -0.02
C LEU D 91 -4.32 -14.57 0.57
N ASP D 92 -3.83 -14.15 1.74
CA ASP D 92 -2.65 -14.80 2.29
C ASP D 92 -2.88 -16.20 2.90
N ILE D 93 -4.11 -16.51 3.27
CA ILE D 93 -4.40 -17.73 4.03
C ILE D 93 -5.39 -18.73 3.38
N GLU D 94 -5.91 -18.44 2.19
CA GLU D 94 -6.71 -19.43 1.46
C GLU D 94 -6.38 -19.36 -0.02
N LYS D 95 -6.33 -20.53 -0.65
CA LYS D 95 -6.14 -20.60 -2.11
C LYS D 95 -7.51 -20.44 -2.75
N ALA D 96 -7.69 -19.45 -3.63
CA ALA D 96 -8.93 -19.32 -4.39
C ALA D 96 -8.75 -18.57 -5.70
N ASP D 97 -9.81 -18.44 -6.50
CA ASP D 97 -9.71 -17.63 -7.74
C ASP D 97 -10.20 -16.20 -7.57
N LEU D 98 -11.17 -15.95 -6.67
CA LEU D 98 -11.56 -14.62 -6.21
C LEU D 98 -11.79 -14.51 -4.72
N TYR D 99 -11.68 -13.27 -4.24
CA TYR D 99 -11.79 -12.92 -2.84
C TYR D 99 -12.69 -11.67 -2.82
N ILE D 100 -13.79 -11.71 -2.03
CA ILE D 100 -14.78 -10.61 -1.87
C ILE D 100 -14.81 -10.17 -0.39
N ALA D 101 -14.69 -8.86 -0.13
CA ALA D 101 -14.69 -8.35 1.25
C ALA D 101 -15.37 -6.99 1.35
N ARG D 102 -15.89 -6.69 2.54
CA ARG D 102 -16.75 -5.53 2.81
C ARG D 102 -16.42 -4.90 4.19
N GLY D 103 -16.12 -3.58 4.19
CA GLY D 103 -15.69 -2.92 5.41
C GLY D 103 -15.61 -1.44 5.22
N ARG D 104 -15.06 -0.72 6.22
CA ARG D 104 -14.89 0.72 6.07
C ARG D 104 -13.94 1.06 4.92
N LEU D 105 -14.30 2.08 4.13
CA LEU D 105 -13.52 2.51 2.98
C LEU D 105 -12.14 3.05 3.36
N GLY D 106 -12.11 4.10 4.20
CA GLY D 106 -10.87 4.70 4.66
C GLY D 106 -10.89 5.14 6.14
N ALA D 107 -10.73 6.46 6.35
CA ALA D 107 -10.74 7.06 7.68
C ALA D 107 -12.12 6.90 8.29
N PRO D 108 -12.19 6.87 9.63
CA PRO D 108 -13.54 6.74 10.21
C PRO D 108 -14.45 7.88 9.75
N GLY D 109 -15.71 7.56 9.49
CA GLY D 109 -16.63 8.53 8.95
C GLY D 109 -16.66 8.48 7.42
N SER D 110 -15.74 7.71 6.79
CA SER D 110 -15.73 7.60 5.31
C SER D 110 -16.78 6.67 4.63
N GLY D 111 -17.60 5.95 5.39
CA GLY D 111 -18.52 5.02 4.74
C GLY D 111 -17.93 3.66 4.35
N SER D 112 -18.67 2.93 3.51
CA SER D 112 -18.37 1.53 3.13
C SER D 112 -17.73 1.33 1.78
N MET D 113 -16.93 0.26 1.67
CA MET D 113 -16.52 -0.28 0.37
C MET D 113 -16.71 -1.83 0.27
N LEU D 114 -17.22 -2.33 -0.86
CA LEU D 114 -17.14 -3.77 -1.16
C LEU D 114 -16.22 -3.91 -2.31
N VAL D 115 -15.25 -4.84 -2.25
CA VAL D 115 -14.20 -5.04 -3.28
C VAL D 115 -14.03 -6.56 -3.67
N ILE D 116 -13.65 -6.83 -4.93
CA ILE D 116 -13.39 -8.18 -5.46
C ILE D 116 -11.93 -8.23 -5.93
N LEU D 117 -11.09 -9.15 -5.40
CA LEU D 117 -9.68 -9.29 -5.87
C LEU D 117 -9.51 -10.63 -6.64
N ASP D 118 -8.51 -10.71 -7.53
CA ASP D 118 -8.20 -11.99 -8.17
C ASP D 118 -7.07 -12.66 -7.41
N GLU D 119 -6.61 -13.81 -7.90
CA GLU D 119 -5.54 -14.55 -7.23
C GLU D 119 -4.17 -13.85 -7.10
N LYS D 120 -3.98 -12.67 -7.66
CA LYS D 120 -2.69 -11.97 -7.32
C LYS D 120 -2.90 -10.66 -6.60
N GLY D 121 -4.12 -10.44 -6.12
CA GLY D 121 -4.37 -9.24 -5.36
C GLY D 121 -4.80 -8.06 -6.18
N ARG D 122 -5.02 -8.24 -7.47
CA ARG D 122 -5.52 -7.15 -8.32
C ARG D 122 -6.95 -6.79 -7.96
N VAL D 123 -7.24 -5.49 -7.99
CA VAL D 123 -8.60 -4.99 -7.74
C VAL D 123 -9.27 -5.00 -9.06
N LEU D 124 -10.23 -5.90 -9.23
CA LEU D 124 -11.02 -6.02 -10.47
C LEU D 124 -12.24 -5.05 -10.46
N THR D 125 -12.90 -4.92 -9.32
CA THR D 125 -14.12 -4.08 -9.23
C THR D 125 -14.47 -3.72 -7.77
N ALA D 126 -15.32 -2.72 -7.56
CA ALA D 126 -15.69 -2.30 -6.18
C ALA D 126 -16.97 -1.46 -6.14
N SER D 127 -17.52 -1.20 -4.95
CA SER D 127 -18.76 -0.47 -4.82
C SER D 127 -18.82 0.28 -3.49
N LEU D 128 -19.56 1.39 -3.41
CA LEU D 128 -19.49 2.22 -2.21
C LEU D 128 -20.85 2.59 -1.66
N SER D 129 -20.92 2.78 -0.35
CA SER D 129 -22.15 3.27 0.35
C SER D 129 -21.83 4.40 1.33
N PRO D 130 -22.80 5.32 1.54
CA PRO D 130 -22.60 6.34 2.59
C PRO D 130 -22.59 5.70 3.98
N SER D 131 -22.17 6.45 5.00
CA SER D 131 -22.37 6.06 6.41
C SER D 131 -23.84 5.68 6.64
N SER D 132 -24.13 4.63 7.42
CA SER D 132 -25.54 4.28 7.73
C SER D 132 -26.28 5.42 8.43
N VAL D 133 -25.55 6.29 9.12
CA VAL D 133 -26.15 7.45 9.74
C VAL D 133 -26.83 8.37 8.70
N ILE D 134 -26.44 8.27 7.42
CA ILE D 134 -27.26 8.90 6.35
C ILE D 134 -28.23 7.97 5.59
N HIS D 135 -27.75 6.91 4.93
CA HIS D 135 -28.62 6.03 4.13
C HIS D 135 -29.68 5.24 4.91
N LYS D 136 -29.42 5.01 6.19
CA LYS D 136 -30.34 4.33 7.09
C LYS D 136 -31.00 3.02 6.63
N GLU D 137 -30.31 2.22 5.81
CA GLU D 137 -30.82 0.90 5.40
C GLU D 137 -30.24 -0.26 6.20
N ASP D 138 -30.96 -1.39 6.29
CA ASP D 138 -30.41 -2.62 6.95
C ASP D 138 -29.16 -3.09 6.21
N ILE D 139 -28.12 -3.41 6.97
CA ILE D 139 -26.85 -3.90 6.44
C ILE D 139 -27.00 -4.97 5.35
N GLU D 140 -28.00 -5.85 5.46
CA GLU D 140 -28.20 -6.90 4.45
C GLU D 140 -28.60 -6.30 3.15
N GLU D 141 -29.46 -5.31 3.22
CA GLU D 141 -29.97 -4.73 1.99
C GLU D 141 -28.90 -3.88 1.28
N ARG D 142 -27.97 -3.32 2.03
CA ARG D 142 -26.90 -2.50 1.49
C ARG D 142 -25.91 -3.41 0.71
N ILE D 143 -25.55 -4.53 1.33
CA ILE D 143 -24.62 -5.46 0.73
C ILE D 143 -25.15 -5.94 -0.60
N LYS D 144 -26.46 -6.10 -0.71
CA LYS D 144 -27.06 -6.61 -1.94
C LYS D 144 -26.80 -5.63 -3.06
N LYS D 145 -27.10 -4.36 -2.80
CA LYS D 145 -26.94 -3.30 -3.78
C LYS D 145 -25.47 -3.06 -4.17
N GLU D 146 -24.56 -3.05 -3.18
CA GLU D 146 -23.15 -2.85 -3.46
C GLU D 146 -22.63 -3.98 -4.38
N LEU D 147 -23.03 -5.22 -4.10
CA LEU D 147 -22.63 -6.34 -4.97
C LEU D 147 -23.17 -6.22 -6.40
N ILE D 148 -24.43 -5.88 -6.51
CA ILE D 148 -25.07 -5.90 -7.85
C ILE D 148 -24.45 -4.84 -8.75
N GLU D 149 -24.22 -3.66 -8.19
CA GLU D 149 -23.51 -2.60 -8.90
C GLU D 149 -22.01 -2.95 -9.20
N ALA D 150 -21.33 -3.68 -8.32
CA ALA D 150 -19.93 -4.00 -8.53
C ALA D 150 -19.79 -4.94 -9.73
N LEU D 151 -20.76 -5.85 -9.87
CA LEU D 151 -20.82 -6.77 -11.00
C LEU D 151 -21.25 -6.06 -12.28
N SER D 152 -22.22 -5.16 -12.19
CA SER D 152 -22.74 -4.58 -13.45
C SER D 152 -21.82 -3.53 -14.12
N ARG D 153 -21.12 -2.73 -13.32
CA ARG D 153 -20.10 -1.76 -13.80
C ARG D 153 -18.91 -2.38 -14.59
N ILE D 154 -18.72 -3.69 -14.47
CA ILE D 154 -17.78 -4.38 -15.37
C ILE D 154 -18.46 -5.32 -16.40
N GLY D 155 -19.80 -5.30 -16.47
CA GLY D 155 -20.51 -5.97 -17.59
C GLY D 155 -21.25 -7.27 -17.31
N ILE D 156 -21.45 -7.57 -16.04
CA ILE D 156 -22.10 -8.79 -15.63
C ILE D 156 -23.43 -8.40 -15.04
N SER D 157 -24.48 -8.84 -15.73
CA SER D 157 -25.85 -8.56 -15.33
C SER D 157 -26.35 -9.70 -14.45
N ILE D 158 -27.09 -9.38 -13.40
CA ILE D 158 -27.66 -10.40 -12.48
C ILE D 158 -29.11 -10.86 -12.88
N LEU D 159 -29.63 -10.32 -14.00
CA LEU D 159 -31.01 -10.62 -14.53
C LEU D 159 -30.95 -11.88 -15.39
N GLU D 160 -32.09 -12.51 -15.72
CA GLU D 160 -32.14 -13.72 -16.62
C GLU D 160 -31.66 -13.56 -18.09
N HIS D 161 -30.90 -14.54 -18.62
CA HIS D 161 -30.41 -14.53 -20.04
C HIS D 161 -31.05 -15.54 -20.99
C2 YGP E . 13.96 -12.21 20.43
N2 YGP E . 14.45 -12.95 21.41
C4 YGP E . 12.16 -11.45 19.12
C5 YGP E . 12.95 -10.61 18.40
C6 YGP E . 14.27 -10.57 18.67
O6 YGP E . 15.01 -9.84 18.03
N1 YGP E . 14.82 -11.35 19.72
N3 YGP E . 12.63 -12.21 20.10
N7 YGP E . 12.21 -9.98 17.47
C8 YGP E . 10.97 -10.40 17.65
N9 YGP E . 10.93 -11.29 18.66
C1' YGP E . 9.74 -12.03 19.22
O4' YGP E . 8.51 -11.87 18.40
C2' YGP E . 9.43 -11.42 20.59
O2' YGP E . 8.86 -12.40 21.41
C3' YGP E . 8.42 -10.37 20.25
O3' YGP E . 7.60 -10.01 21.38
C4' YGP E . 7.57 -11.06 19.17
C5' YGP E . 7.03 -9.98 18.25
O5' YGP E . 8.09 -9.05 17.90
PBG YGP E . 7.70 -7.81 16.94
OAI YGP E . 8.98 -7.09 16.47
OAF YGP E . 6.79 -6.87 17.58
OAR YGP E . 7.00 -8.50 15.61
CAW YGP E . 7.46 -9.58 14.89
CAK YGP E . 8.79 -9.75 14.47
CAT YGP E . 9.15 -10.89 13.73
CAA YGP E . 10.48 -11.11 13.32
NAO YGP E . 8.13 -11.83 13.37
CAX YGP E . 6.79 -11.65 13.78
OAD YGP E . 5.97 -12.50 13.43
CAV YGP E . 6.45 -10.49 14.54
CAB YGP E . 5.11 -10.22 15.00
C2 YGP F . 27.33 3.32 -7.16
N2 YGP F . 28.57 3.55 -7.57
C4 YGP F . 25.01 3.67 -7.46
C5 YGP F . 24.72 2.90 -6.35
C6 YGP F . 25.72 2.30 -5.61
O6 YGP F . 25.48 1.62 -4.59
N1 YGP F . 27.08 2.51 -6.01
N3 YGP F . 26.30 3.87 -7.85
N7 YGP F . 23.38 2.86 -6.22
C8 YGP F . 22.88 3.60 -7.20
N9 YGP F . 23.85 4.10 -8.00
C1' YGP F . 23.58 5.01 -9.21
O4' YGP F . 22.19 5.59 -9.17
C2' YGP F . 23.61 4.33 -10.58
O2' YGP F . 23.72 5.36 -11.62
C3' YGP F . 22.19 3.71 -10.63
O3' YGP F . 21.84 3.16 -11.92
C4' YGP F . 21.34 4.93 -10.23
C5' YGP F . 19.94 4.48 -9.73
O5' YGP F . 20.06 3.41 -8.72
PBG YGP F . 18.66 2.61 -8.18
OAI YGP F . 19.04 1.63 -6.89
OAF YGP F . 17.90 1.88 -9.24
OAR YGP F . 17.72 3.83 -7.58
CAW YGP F . 18.00 4.80 -6.63
CAK YGP F . 18.79 4.60 -5.46
CAT YGP F . 18.97 5.66 -4.55
CAA YGP F . 19.75 5.51 -3.37
NAO YGP F . 18.32 6.89 -4.81
CAX YGP F . 17.52 7.10 -5.98
OAD YGP F . 16.97 8.20 -6.15
CAV YGP F . 17.37 6.03 -6.89
CAB YGP F . 16.60 6.15 -8.07
MG MG G . 15.59 3.14 -12.58
PB GDP H . 16.42 -0.22 -12.90
O1B GDP H . 15.70 -0.91 -14.06
O2B GDP H . 16.96 -1.12 -11.79
O3B GDP H . 15.68 1.02 -12.37
O3A GDP H . 17.80 0.27 -13.62
PA GDP H . 18.67 1.61 -13.32
O1A GDP H . 17.76 2.83 -13.26
O2A GDP H . 19.74 1.37 -12.25
O5' GDP H . 19.44 1.68 -14.74
C5' GDP H . 18.76 2.18 -15.90
C4' GDP H . 19.70 2.59 -17.03
O4' GDP H . 20.11 3.96 -16.84
C3' GDP H . 21.01 1.77 -17.18
O3' GDP H . 20.91 0.46 -17.78
C2' GDP H . 21.90 2.77 -17.90
O2' GDP H . 21.65 2.74 -19.31
C1' GDP H . 21.42 4.13 -17.38
N9 GDP H . 22.41 4.48 -16.34
C8 GDP H . 22.31 4.24 -15.00
N7 GDP H . 23.42 4.64 -14.34
C5 GDP H . 24.28 5.13 -15.27
C6 GDP H . 25.65 5.74 -15.28
O6 GDP H . 26.30 5.90 -14.21
N1 GDP H . 26.16 6.13 -16.46
C2 GDP H . 25.50 5.99 -17.63
N2 GDP H . 26.12 6.42 -18.77
N3 GDP H . 24.24 5.45 -17.71
C4 GDP H . 23.60 5.02 -16.59
MG MG I . 30.79 -26.78 -5.74
C2 YGP J . -26.22 -0.70 9.15
N2 YGP J . -27.39 -0.78 9.80
C4 YGP J . -23.86 -0.76 9.22
C5 YGP J . -23.78 -0.55 7.89
C6 YGP J . -24.90 -0.42 7.14
O6 YGP J . -24.83 -0.23 5.92
N1 YGP J . -26.16 -0.49 7.75
N3 YGP J . -25.07 -0.84 9.83
N7 YGP J . -22.47 -0.52 7.59
C8 YGP J . -21.76 -0.71 8.70
N9 YGP J . -22.61 -0.86 9.72
C1' YGP J . -22.28 -1.12 11.20
O4' YGP J . -20.84 -1.21 11.60
C2' YGP J . -22.91 -2.47 11.67
O2' YGP J . -23.35 -2.40 13.04
C3' YGP J . -21.76 -3.47 11.53
O3' YGP J . -21.99 -4.63 12.36
C4' YGP J . -20.50 -2.63 11.96
C5' YGP J . -19.22 -3.05 11.20
O5' YGP J . -19.43 -2.79 9.79
PBG YGP J . -18.35 -3.14 8.64
OAI YGP J . -19.02 -2.93 7.21
OAF YGP J . -17.84 -4.52 8.84
OAR YGP J . -17.28 -1.98 8.85
CAW YGP J . -17.42 -0.63 9.03
CAK YGP J . -18.16 0.17 8.15
CAT YGP J . -18.18 1.55 8.36
CAA YGP J . -18.89 2.40 7.50
NAO YGP J . -17.48 2.13 9.44
CAX YGP J . -16.74 1.34 10.35
OAD YGP J . -16.15 1.97 11.27
CAV YGP J . -16.72 -0.09 10.13
CAB YGP J . -16.01 -1.02 10.96
C2 YGP K . -14.86 9.41 -21.71
N2 YGP K . -15.46 9.72 -22.86
C4 YGP K . -12.91 8.80 -20.51
C5 YGP K . -13.60 8.75 -19.36
C6 YGP K . -14.92 9.02 -19.33
O6 YGP K . -15.54 8.96 -18.27
N1 YGP K . -15.60 9.36 -20.50
N3 YGP K . -13.53 9.12 -21.66
N7 YGP K . -12.74 8.41 -18.40
C8 YGP K . -11.54 8.26 -18.94
N9 YGP K . -11.63 8.49 -20.24
C1' YGP K . -10.47 8.42 -21.23
O4' YGP K . -9.27 7.76 -20.67
C2' YGP K . -10.02 9.86 -21.58
O2' YGP K . -9.35 9.89 -22.85
C3' YGP K . -9.04 10.16 -20.48
O3' YGP K . -8.23 11.26 -20.80
C4' YGP K . -8.24 8.83 -20.47
C5' YGP K . -7.52 8.71 -19.14
O5' YGP K . -8.51 8.78 -18.11
PBG YGP K . -8.04 8.85 -16.58
OAI YGP K . -9.37 9.27 -15.87
OAF YGP K . -6.97 9.85 -16.28
OAR YGP K . -7.57 7.31 -16.23
CAW YGP K . -8.08 6.09 -16.62
CAK YGP K . -9.45 5.79 -16.42
CAT YGP K . -9.94 4.52 -16.78
CAA YGP K . -11.32 4.16 -16.61
NAO YGP K . -9.07 3.57 -17.33
CAX YGP K . -7.70 3.83 -17.55
OAD YGP K . -7.01 2.93 -18.04
CAV YGP K . -7.18 5.12 -17.19
CAB YGP K . -5.78 5.39 -17.40
#